data_8DEA
#
_entry.id   8DEA
#
_cell.length_a   44.898
_cell.length_b   73.032
_cell.length_c   240.864
_cell.angle_alpha   90.000
_cell.angle_beta   90.000
_cell.angle_gamma   90.000
#
_symmetry.space_group_name_H-M   'P 2 21 21'
#
loop_
_entity.id
_entity.type
_entity.pdbx_description
1 polymer 'Complement factor D'
2 non-polymer 1-[(3-acetylphenyl)acetyl]-N-(6-bromopyridin-2-yl)-L-prolinamide
3 non-polymer GLYCEROL
4 water water
#
_entity_poly.entity_id   1
_entity_poly.type   'polypeptide(L)'
_entity_poly.pdbx_seq_one_letter_code
;ILGGREAEAHARPYMASVQLNGAHLCGGVLVAEQWVLSAAHCLEDAADGKVQVLLGAHSLSQPEPSKRLYDVLRAVPHPD
SQPDTIDHDLLLLQLSEKATLGPAVRPLPWQRVDRDVAPGTLCDVAGWGIVNHAGRRPDSLQHVLLPVLDRATCNRRTHH
DGAITERLMCAESNRRDSCKGDSGGPLVCGGVLEGVVTSGSRVCGNRKKPGIYTRVASYAAWIDSVLASA
;
_entity_poly.pdbx_strand_id   A,B,C,D
#
loop_
_chem_comp.id
_chem_comp.type
_chem_comp.name
_chem_comp.formula
GOL non-polymer GLYCEROL 'C3 H8 O3'
R7X non-polymer 1-[(3-acetylphenyl)acetyl]-N-(6-bromopyridin-2-yl)-L-prolinamide 'C20 H20 Br N3 O3'
#
# COMPACT_ATOMS: atom_id res chain seq x y z
N ILE A 1 11.14 16.56 -6.01
CA ILE A 1 10.68 15.77 -4.84
C ILE A 1 10.81 14.29 -5.20
N LEU A 2 11.46 13.50 -4.33
CA LEU A 2 11.54 12.05 -4.53
C LEU A 2 10.66 11.39 -3.48
N GLY A 3 10.07 10.25 -3.87
CA GLY A 3 9.22 9.48 -2.97
C GLY A 3 8.03 10.25 -2.44
N GLY A 4 7.54 11.26 -3.16
CA GLY A 4 6.43 12.06 -2.68
C GLY A 4 5.15 11.73 -3.43
N ARG A 5 4.18 12.67 -3.40
CA ARG A 5 2.89 12.53 -4.08
C ARG A 5 2.62 13.83 -4.86
N GLU A 6 1.68 13.79 -5.81
CA GLU A 6 1.23 15.00 -6.49
C GLU A 6 0.53 15.92 -5.49
N ALA A 7 0.85 17.23 -5.50
CA ALA A 7 0.15 18.16 -4.62
C ALA A 7 -1.25 18.39 -5.19
N GLU A 8 -2.14 18.85 -4.31
CA GLU A 8 -3.50 19.23 -4.69
C GLU A 8 -3.47 20.60 -5.34
N ALA A 9 -4.08 20.75 -6.53
CA ALA A 9 -3.89 21.98 -7.28
C ALA A 9 -4.25 23.18 -6.39
N HIS A 10 -3.23 24.01 -6.15
CA HIS A 10 -3.33 25.35 -5.59
C HIS A 10 -3.56 25.31 -4.07
N ALA A 11 -3.44 24.14 -3.43
CA ALA A 11 -3.64 24.05 -1.98
C ALA A 11 -2.48 24.68 -1.21
N ARG A 12 -1.36 24.98 -1.88
CA ARG A 12 -0.18 25.58 -1.27
C ARG A 12 0.04 26.93 -1.93
N PRO A 13 -0.80 27.93 -1.58
CA PRO A 13 -0.91 29.13 -2.41
C PRO A 13 0.29 30.09 -2.32
N TYR A 14 1.27 29.76 -1.45
CA TYR A 14 2.49 30.53 -1.25
C TYR A 14 3.56 30.11 -2.26
N MET A 15 3.34 28.97 -2.92
CA MET A 15 4.36 28.29 -3.72
C MET A 15 4.56 29.02 -5.04
N ALA A 16 5.86 29.24 -5.35
CA ALA A 16 6.35 29.99 -6.46
C ALA A 16 7.33 29.11 -7.25
N SER A 17 7.26 29.16 -8.59
CA SER A 17 8.32 28.64 -9.45
C SER A 17 9.25 29.77 -9.87
N VAL A 18 10.55 29.64 -9.52
CA VAL A 18 11.54 30.66 -9.87
C VAL A 18 12.26 30.23 -11.15
N GLN A 19 12.10 31.03 -12.19
CA GLN A 19 12.32 30.61 -13.57
C GLN A 19 13.39 31.49 -14.19
N LEU A 20 14.21 30.87 -15.06
CA LEU A 20 15.40 31.50 -15.65
C LEU A 20 15.43 31.18 -17.14
N ASN A 21 15.15 32.23 -17.95
CA ASN A 21 15.01 32.13 -19.39
C ASN A 21 13.90 31.13 -19.72
N GLY A 22 12.77 31.20 -19.00
CA GLY A 22 11.55 30.48 -19.36
C GLY A 22 11.33 29.13 -18.67
N ALA A 23 12.37 28.51 -18.10
CA ALA A 23 12.32 27.17 -17.53
C ALA A 23 12.45 27.22 -16.00
N HIS A 24 11.77 26.29 -15.29
CA HIS A 24 11.84 26.26 -13.84
C HIS A 24 13.23 25.83 -13.36
N LEU A 25 13.70 26.51 -12.31
CA LEU A 25 15.04 26.34 -11.79
C LEU A 25 14.99 26.02 -10.30
N CYS A 26 14.18 26.80 -9.57
CA CYS A 26 14.12 26.72 -8.12
C CYS A 26 12.69 26.95 -7.66
N GLY A 27 12.34 26.33 -6.53
CA GLY A 27 11.17 26.72 -5.76
C GLY A 27 11.36 28.10 -5.16
N GLY A 28 10.26 28.65 -4.63
CA GLY A 28 10.24 29.90 -3.91
C GLY A 28 8.98 29.99 -3.06
N VAL A 29 8.95 30.97 -2.14
CA VAL A 29 7.91 31.10 -1.14
C VAL A 29 7.45 32.55 -1.12
N LEU A 30 6.19 32.81 -1.50
CA LEU A 30 5.64 34.14 -1.34
C LEU A 30 5.50 34.46 0.15
N VAL A 31 6.23 35.49 0.62
CA VAL A 31 6.28 35.87 2.03
C VAL A 31 5.70 37.26 2.28
N ALA A 32 5.57 38.06 1.21
CA ALA A 32 4.81 39.31 1.19
C ALA A 32 4.23 39.49 -0.20
N GLU A 33 3.38 40.51 -0.38
CA GLU A 33 2.71 40.75 -1.65
C GLU A 33 3.70 40.85 -2.81
N GLN A 34 4.85 41.50 -2.59
CA GLN A 34 5.83 41.79 -3.63
C GLN A 34 7.18 41.13 -3.35
N TRP A 35 7.24 40.10 -2.51
CA TRP A 35 8.53 39.51 -2.20
C TRP A 35 8.38 37.99 -2.14
N VAL A 36 9.18 37.31 -2.97
CA VAL A 36 9.37 35.86 -2.92
C VAL A 36 10.75 35.58 -2.31
N LEU A 37 10.79 34.64 -1.36
CA LEU A 37 12.03 34.15 -0.77
C LEU A 37 12.38 32.84 -1.48
N SER A 38 13.65 32.72 -1.88
CA SER A 38 14.20 31.51 -2.49
C SER A 38 15.62 31.29 -1.93
N ALA A 39 16.48 30.54 -2.63
CA ALA A 39 17.84 30.33 -2.16
C ALA A 39 18.84 31.06 -3.07
N ALA A 40 20.06 31.32 -2.56
CA ALA A 40 20.99 32.25 -3.18
C ALA A 40 21.52 31.75 -4.53
N HIS A 41 21.85 30.45 -4.67
CA HIS A 41 22.50 29.99 -5.90
C HIS A 41 21.49 29.76 -7.03
N CYS A 42 20.20 29.98 -6.73
CA CYS A 42 19.16 30.00 -7.73
C CYS A 42 19.39 31.14 -8.73
N LEU A 43 20.59 31.75 -8.74
CA LEU A 43 20.84 32.96 -9.52
C LEU A 43 21.75 32.72 -10.73
N GLU A 44 22.97 32.19 -10.51
CA GLU A 44 23.98 32.01 -11.56
C GLU A 44 24.40 33.39 -12.11
N GLY A 49 20.26 37.04 -15.78
CA GLY A 49 19.99 37.88 -16.95
C GLY A 49 18.49 38.14 -17.14
N LYS A 50 17.70 37.06 -17.17
CA LYS A 50 16.24 37.18 -17.20
C LYS A 50 15.61 36.16 -16.25
N VAL A 51 15.18 36.67 -15.09
CA VAL A 51 14.59 35.89 -14.01
C VAL A 51 13.12 36.29 -13.89
N GLN A 52 12.24 35.29 -13.68
CA GLN A 52 10.82 35.50 -13.46
C GLN A 52 10.31 34.57 -12.36
N VAL A 53 9.07 34.82 -11.94
CA VAL A 53 8.44 34.06 -10.87
C VAL A 53 7.00 33.81 -11.27
N LEU A 54 6.63 32.51 -11.34
CA LEU A 54 5.29 32.04 -11.60
C LEU A 54 4.61 31.77 -10.25
N LEU A 55 3.47 32.47 -10.03
CA LEU A 55 2.62 32.26 -8.87
C LEU A 55 1.30 31.63 -9.33
N GLY A 56 0.59 31.01 -8.39
CA GLY A 56 -0.76 30.54 -8.61
C GLY A 56 -0.79 29.27 -9.47
N ALA A 57 0.33 28.53 -9.50
CA ALA A 57 0.47 27.44 -10.44
C ALA A 57 0.46 26.09 -9.73
N HIS A 58 -0.11 25.11 -10.44
CA HIS A 58 0.07 23.72 -10.17
C HIS A 58 0.87 23.09 -11.31
N SER A 59 0.35 23.24 -12.53
CA SER A 59 1.05 22.82 -13.74
C SER A 59 1.86 23.98 -14.30
N LEU A 60 3.07 23.68 -14.78
CA LEU A 60 3.95 24.68 -15.31
C LEU A 60 3.54 25.03 -16.74
N SER A 61 2.95 24.05 -17.45
CA SER A 61 2.65 24.24 -18.87
C SER A 61 1.18 24.62 -19.08
N GLN A 62 0.24 24.01 -18.31
CA GLN A 62 -1.18 24.00 -18.65
C GLN A 62 -1.90 25.28 -18.18
N PRO A 63 -2.98 25.73 -18.88
CA PRO A 63 -3.73 26.92 -18.48
C PRO A 63 -4.59 26.74 -17.22
N GLU A 64 -4.46 27.72 -16.32
CA GLU A 64 -5.08 27.72 -14.99
C GLU A 64 -5.53 29.15 -14.71
N PRO A 65 -6.74 29.35 -14.12
CA PRO A 65 -7.28 30.70 -13.90
C PRO A 65 -6.44 31.59 -12.97
N SER A 66 -5.55 30.98 -12.18
CA SER A 66 -4.82 31.66 -11.13
C SER A 66 -3.36 31.89 -11.50
N LYS A 67 -2.88 31.21 -12.56
CA LYS A 67 -1.50 31.29 -12.98
C LYS A 67 -1.15 32.72 -13.39
N ARG A 68 -0.04 33.23 -12.85
CA ARG A 68 0.46 34.54 -13.18
C ARG A 68 1.98 34.54 -13.07
N LEU A 69 2.63 34.82 -14.21
CA LEU A 69 4.06 35.05 -14.27
C LEU A 69 4.33 36.51 -13.90
N TYR A 70 5.52 36.76 -13.34
CA TYR A 70 5.92 38.09 -12.89
C TYR A 70 7.39 38.35 -13.24
N ASP A 71 7.68 39.61 -13.56
CA ASP A 71 9.04 40.06 -13.75
C ASP A 71 9.60 40.34 -12.36
N VAL A 72 10.92 40.20 -12.20
CA VAL A 72 11.58 40.46 -10.93
C VAL A 72 12.24 41.82 -10.99
N LEU A 73 12.06 42.62 -9.94
CA LEU A 73 12.56 43.98 -9.95
C LEU A 73 13.94 44.04 -9.30
N ARG A 74 14.11 43.35 -8.16
CA ARG A 74 15.37 43.36 -7.42
C ARG A 74 15.66 41.96 -6.89
N ALA A 75 16.93 41.54 -7.00
CA ALA A 75 17.40 40.28 -6.46
C ALA A 75 18.41 40.51 -5.33
N VAL A 76 18.02 40.21 -4.09
CA VAL A 76 18.84 40.48 -2.92
C VAL A 76 19.28 39.17 -2.26
N PRO A 77 20.50 38.68 -2.59
CA PRO A 77 21.06 37.52 -1.89
C PRO A 77 21.46 37.95 -0.48
N HIS A 78 21.52 37.01 0.47
CA HIS A 78 22.05 37.37 1.77
C HIS A 78 23.50 37.85 1.58
N PRO A 79 23.95 38.98 2.20
CA PRO A 79 25.32 39.47 2.00
C PRO A 79 26.42 38.46 2.27
N ASP A 80 26.17 37.51 3.19
CA ASP A 80 27.16 36.54 3.64
C ASP A 80 27.12 35.23 2.86
N SER A 81 26.18 35.11 1.91
CA SER A 81 26.15 33.98 0.98
C SER A 81 27.42 33.94 0.12
N GLN A 82 27.85 32.73 -0.23
CA GLN A 82 28.95 32.49 -1.14
C GLN A 82 28.47 31.48 -2.18
N PRO A 83 28.92 31.61 -3.45
CA PRO A 83 28.55 30.62 -4.48
C PRO A 83 28.94 29.17 -4.17
N ASP A 84 29.91 28.94 -3.28
CA ASP A 84 30.47 27.61 -3.09
C ASP A 84 30.16 27.06 -1.68
N THR A 85 29.29 27.74 -0.92
CA THR A 85 28.94 27.35 0.44
C THR A 85 27.42 27.27 0.58
N ILE A 86 26.96 26.53 1.59
CA ILE A 86 25.54 26.32 1.83
C ILE A 86 25.03 27.24 2.94
N ASP A 87 25.89 28.18 3.37
CA ASP A 87 25.57 29.09 4.47
C ASP A 87 24.89 30.35 3.93
N HIS A 88 23.96 30.88 4.72
CA HIS A 88 23.33 32.13 4.34
C HIS A 88 22.76 31.98 2.92
N ASP A 89 22.09 30.83 2.66
CA ASP A 89 21.62 30.43 1.33
C ASP A 89 20.19 30.92 1.10
N LEU A 90 19.99 32.22 1.29
CA LEU A 90 18.71 32.85 1.07
C LEU A 90 18.83 33.91 -0.01
N LEU A 91 17.70 34.13 -0.65
CA LEU A 91 17.59 35.15 -1.67
C LEU A 91 16.19 35.75 -1.60
N LEU A 92 16.11 37.08 -1.61
CA LEU A 92 14.83 37.74 -1.71
C LEU A 92 14.69 38.38 -3.09
N LEU A 93 13.51 38.15 -3.69
CA LEU A 93 13.15 38.66 -5.00
C LEU A 93 11.96 39.58 -4.86
N GLN A 94 12.12 40.85 -5.23
CA GLN A 94 11.02 41.78 -5.26
C GLN A 94 10.35 41.69 -6.63
N LEU A 95 9.02 41.52 -6.63
CA LEU A 95 8.30 41.36 -7.89
C LEU A 95 8.11 42.72 -8.54
N SER A 96 7.82 42.68 -9.85
CA SER A 96 7.61 43.84 -10.72
C SER A 96 6.45 44.70 -10.20
N GLU A 97 5.38 44.04 -9.78
CA GLU A 97 4.29 44.65 -9.05
C GLU A 97 3.83 43.71 -7.95
N LYS A 98 2.99 44.24 -7.05
CA LYS A 98 2.46 43.46 -5.96
C LYS A 98 1.58 42.36 -6.54
N ALA A 99 1.68 41.16 -5.98
CA ALA A 99 0.92 40.02 -6.46
C ALA A 99 -0.60 40.20 -6.29
N THR A 100 -1.32 39.89 -7.36
CA THR A 100 -2.76 39.64 -7.29
C THR A 100 -3.00 38.45 -6.36
N LEU A 101 -3.58 38.73 -5.19
CA LEU A 101 -3.84 37.74 -4.17
C LEU A 101 -5.21 37.11 -4.38
N GLY A 102 -5.33 35.87 -3.90
CA GLY A 102 -6.56 35.09 -4.02
C GLY A 102 -6.41 33.80 -3.24
N PRO A 103 -7.42 32.90 -3.21
CA PRO A 103 -7.31 31.61 -2.54
C PRO A 103 -6.09 30.80 -2.95
N ALA A 104 -5.61 31.03 -4.18
CA ALA A 104 -4.51 30.29 -4.81
C ALA A 104 -3.17 31.04 -4.80
N VAL A 105 -3.17 32.36 -4.48
CA VAL A 105 -1.95 33.14 -4.29
C VAL A 105 -2.00 33.89 -2.95
N ARG A 106 -1.25 33.41 -1.95
CA ARG A 106 -1.34 33.90 -0.59
C ARG A 106 0.06 33.82 0.04
N PRO A 107 0.56 34.86 0.75
CA PRO A 107 1.86 34.77 1.41
C PRO A 107 1.79 33.75 2.54
N LEU A 108 2.92 33.09 2.83
CA LEU A 108 3.01 32.17 3.95
C LEU A 108 3.72 32.84 5.13
N PRO A 109 3.11 32.87 6.35
CA PRO A 109 3.79 33.38 7.53
C PRO A 109 5.05 32.55 7.77
N TRP A 110 6.11 33.25 8.16
CA TRP A 110 7.38 32.60 8.43
C TRP A 110 7.70 32.73 9.91
N GLN A 111 8.38 31.72 10.45
CA GLN A 111 8.76 31.68 11.86
C GLN A 111 9.70 32.84 12.22
N ARG A 112 9.27 33.72 13.13
CA ARG A 112 10.06 34.82 13.65
C ARG A 112 10.68 34.49 15.00
N VAL A 113 10.27 33.40 15.65
CA VAL A 113 10.73 33.01 16.98
C VAL A 113 11.82 31.95 16.82
N ASP A 114 12.99 32.19 17.41
CA ASP A 114 14.17 31.41 17.12
C ASP A 114 14.24 30.15 17.97
N ARG A 115 13.22 29.27 17.88
CA ARG A 115 13.27 27.97 18.53
C ARG A 115 13.27 26.88 17.45
N ASP A 116 14.07 25.83 17.66
CA ASP A 116 14.09 24.71 16.74
C ASP A 116 12.72 24.06 16.73
N VAL A 117 12.34 23.53 15.55
CA VAL A 117 11.22 22.61 15.44
C VAL A 117 11.60 21.32 16.16
N ALA A 118 10.62 20.71 16.84
CA ALA A 118 10.84 19.50 17.61
C ALA A 118 11.22 18.35 16.67
N PRO A 119 12.34 17.66 16.99
CA PRO A 119 12.75 16.47 16.25
C PRO A 119 11.63 15.44 16.23
N GLY A 120 11.47 14.77 15.07
CA GLY A 120 10.36 13.85 14.84
C GLY A 120 9.18 14.51 14.13
N THR A 121 9.00 15.83 14.33
CA THR A 121 7.95 16.59 13.66
C THR A 121 8.08 16.36 12.15
N LEU A 122 6.97 15.98 11.48
CA LEU A 122 6.92 15.91 10.03
C LEU A 122 6.51 17.26 9.49
N CYS A 123 7.36 17.77 8.60
CA CYS A 123 7.11 18.98 7.84
C CYS A 123 7.00 18.69 6.35
N ASP A 124 6.30 19.60 5.64
CA ASP A 124 5.91 19.45 4.25
C ASP A 124 6.83 20.27 3.37
N VAL A 125 7.49 19.56 2.43
CA VAL A 125 8.32 20.17 1.41
C VAL A 125 7.64 19.94 0.06
N ALA A 126 7.42 21.03 -0.67
CA ALA A 126 6.82 21.00 -1.99
C ALA A 126 7.81 21.54 -3.05
N GLY A 127 7.62 21.13 -4.31
CA GLY A 127 8.43 21.63 -5.42
C GLY A 127 8.17 20.92 -6.76
N TRP A 128 8.84 21.47 -7.77
CA TRP A 128 8.85 20.99 -9.15
C TRP A 128 10.23 20.44 -9.50
N GLY A 129 11.03 20.13 -8.48
CA GLY A 129 12.32 19.49 -8.70
C GLY A 129 12.21 18.08 -9.25
N ILE A 130 13.35 17.43 -9.48
CA ILE A 130 13.36 16.16 -10.18
C ILE A 130 12.64 15.13 -9.31
N VAL A 131 11.93 14.19 -9.95
CA VAL A 131 11.18 13.16 -9.24
C VAL A 131 11.89 11.80 -9.27
N ASN A 132 13.00 11.70 -10.02
CA ASN A 132 13.81 10.50 -10.00
C ASN A 132 15.26 10.88 -10.27
N HIS A 133 16.11 9.83 -10.24
CA HIS A 133 17.55 9.92 -10.36
C HIS A 133 18.01 9.86 -11.81
N ALA A 134 17.05 9.80 -12.76
CA ALA A 134 17.31 10.01 -14.18
C ALA A 134 17.11 11.49 -14.56
N GLY A 135 16.52 12.30 -13.68
CA GLY A 135 16.45 13.74 -13.87
C GLY A 135 15.05 14.23 -14.29
N ARG A 136 14.04 13.36 -14.23
CA ARG A 136 12.70 13.66 -14.73
C ARG A 136 12.11 14.90 -14.05
N ARG A 137 11.74 15.88 -14.89
CA ARG A 137 11.13 17.13 -14.48
C ARG A 137 9.61 17.02 -14.58
N PRO A 138 8.87 17.09 -13.44
CA PRO A 138 7.42 16.98 -13.45
C PRO A 138 6.81 18.28 -13.97
N ASP A 139 5.63 18.14 -14.57
CA ASP A 139 4.82 19.25 -15.00
C ASP A 139 4.10 19.89 -13.81
N SER A 140 3.56 19.04 -12.91
CA SER A 140 2.71 19.52 -11.83
C SER A 140 3.43 19.43 -10.48
N LEU A 141 3.09 20.36 -9.58
CA LEU A 141 3.70 20.42 -8.25
C LEU A 141 3.55 19.08 -7.52
N GLN A 142 4.63 18.75 -6.78
CA GLN A 142 4.75 17.56 -5.95
C GLN A 142 5.06 18.06 -4.55
N HIS A 143 4.86 17.20 -3.54
CA HIS A 143 5.25 17.45 -2.16
C HIS A 143 5.57 16.13 -1.49
N VAL A 144 6.30 16.19 -0.37
CA VAL A 144 6.54 15.04 0.48
C VAL A 144 6.66 15.51 1.92
N LEU A 145 6.20 14.68 2.86
CA LEU A 145 6.30 14.97 4.28
C LEU A 145 7.59 14.35 4.80
N LEU A 146 8.38 15.11 5.58
CA LEU A 146 9.72 14.67 6.00
C LEU A 146 9.93 14.95 7.49
N PRO A 147 10.39 13.96 8.28
CA PRO A 147 10.65 14.16 9.71
C PRO A 147 11.91 14.99 9.96
N VAL A 148 11.81 15.94 10.90
CA VAL A 148 12.92 16.81 11.26
C VAL A 148 13.89 16.09 12.20
N LEU A 149 15.20 16.33 12.00
CA LEU A 149 16.30 15.73 12.76
C LEU A 149 16.87 16.68 13.79
N ASP A 150 17.29 16.13 14.94
CA ASP A 150 17.89 16.96 15.98
C ASP A 150 19.21 17.55 15.45
N ARG A 151 19.66 18.59 16.13
CA ARG A 151 20.82 19.37 15.70
C ARG A 151 22.06 18.49 15.59
N ALA A 152 22.36 17.72 16.66
CA ALA A 152 23.55 16.88 16.71
C ALA A 152 23.56 15.77 15.64
N THR A 153 22.39 15.22 15.30
CA THR A 153 22.26 14.32 14.15
C THR A 153 22.48 15.09 12.84
N CYS A 154 21.93 16.32 12.74
CA CYS A 154 22.22 17.21 11.61
C CYS A 154 23.73 17.15 11.37
N ASN A 155 24.51 17.43 12.43
CA ASN A 155 25.96 17.26 12.41
C ASN A 155 26.30 15.77 12.60
N THR A 165 24.79 23.86 11.12
CA THR A 165 24.91 25.16 11.85
C THR A 165 23.60 25.43 12.58
N GLU A 166 23.67 26.19 13.69
CA GLU A 166 22.48 26.71 14.35
C GLU A 166 21.47 27.30 13.35
N ARG A 167 21.96 27.75 12.19
CA ARG A 167 21.17 28.43 11.19
C ARG A 167 20.53 27.46 10.19
N LEU A 168 21.00 26.21 10.19
CA LEU A 168 20.52 25.12 9.33
C LEU A 168 19.73 24.12 10.16
N MET A 169 18.83 23.40 9.45
CA MET A 169 18.07 22.29 10.00
C MET A 169 18.06 21.13 8.98
N CYS A 170 17.90 19.93 9.50
CA CYS A 170 18.01 18.71 8.72
C CYS A 170 16.67 17.99 8.72
N ALA A 171 16.37 17.26 7.64
CA ALA A 171 15.23 16.34 7.61
C ALA A 171 15.71 15.00 7.11
N GLU A 172 15.00 13.95 7.52
CA GLU A 172 15.28 12.60 7.04
C GLU A 172 15.15 12.62 5.51
N SER A 173 15.99 11.76 4.89
CA SER A 173 16.16 11.62 3.45
C SER A 173 16.02 10.14 3.04
N ASN A 174 15.16 9.37 3.72
CA ASN A 174 15.10 7.93 3.47
C ASN A 174 14.12 7.63 2.34
N ARG A 175 14.63 7.77 1.11
CA ARG A 175 13.85 7.63 -0.12
C ARG A 175 13.11 8.93 -0.39
N ARG A 176 12.18 9.28 0.51
CA ARG A 176 11.46 10.54 0.53
C ARG A 176 12.45 11.68 0.76
N ASP A 177 12.44 12.69 -0.10
CA ASP A 177 13.50 13.68 -0.05
C ASP A 177 13.22 14.80 -1.04
N SER A 178 13.83 15.97 -0.72
CA SER A 178 13.98 17.06 -1.67
C SER A 178 15.16 16.77 -2.59
N CYS A 179 15.15 17.38 -3.79
CA CYS A 179 16.23 17.16 -4.74
C CYS A 179 16.39 18.38 -5.64
N LYS A 180 17.40 18.32 -6.51
CA LYS A 180 17.62 19.26 -7.62
C LYS A 180 16.31 19.84 -8.16
N GLY A 181 16.21 21.16 -8.10
CA GLY A 181 15.03 21.86 -8.61
C GLY A 181 13.99 22.21 -7.54
N ASP A 182 14.07 21.57 -6.37
CA ASP A 182 13.30 21.91 -5.17
C ASP A 182 13.98 23.02 -4.36
N SER A 183 15.28 23.29 -4.62
CA SER A 183 16.05 24.31 -3.93
C SER A 183 15.29 25.63 -3.90
N GLY A 184 15.26 26.29 -2.74
CA GLY A 184 14.64 27.60 -2.59
C GLY A 184 13.16 27.56 -2.20
N GLY A 185 12.54 26.37 -2.32
CA GLY A 185 11.15 26.20 -1.93
C GLY A 185 11.04 25.89 -0.45
N PRO A 186 9.82 25.83 0.08
CA PRO A 186 9.60 25.78 1.52
C PRO A 186 9.59 24.42 2.19
N LEU A 187 10.03 24.42 3.45
CA LEU A 187 9.71 23.37 4.41
C LEU A 187 8.72 23.94 5.43
N VAL A 188 7.52 23.34 5.54
CA VAL A 188 6.42 23.94 6.30
C VAL A 188 6.00 23.01 7.43
N CYS A 189 5.84 23.55 8.65
CA CYS A 189 5.59 22.78 9.86
C CYS A 189 4.51 23.49 10.67
N GLY A 190 3.38 22.80 10.90
CA GLY A 190 2.19 23.38 11.49
C GLY A 190 1.73 24.65 10.79
N GLY A 191 1.79 24.67 9.45
CA GLY A 191 1.28 25.77 8.67
C GLY A 191 2.15 27.02 8.70
N VAL A 192 3.39 26.92 9.23
CA VAL A 192 4.34 28.03 9.27
C VAL A 192 5.63 27.65 8.53
N LEU A 193 6.20 28.62 7.81
CA LEU A 193 7.45 28.38 7.09
C LEU A 193 8.56 28.35 8.12
N GLU A 194 9.34 27.28 8.08
CA GLU A 194 10.44 27.04 8.98
C GLU A 194 11.73 26.99 8.17
N GLY A 195 11.67 26.38 6.97
CA GLY A 195 12.87 26.06 6.21
C GLY A 195 12.74 26.46 4.75
N VAL A 196 13.89 26.81 4.16
CA VAL A 196 14.09 26.99 2.71
C VAL A 196 15.12 25.97 2.23
N VAL A 197 14.77 25.22 1.17
CA VAL A 197 15.59 24.11 0.70
C VAL A 197 16.92 24.67 0.18
N THR A 198 18.02 24.05 0.61
CA THR A 198 19.38 24.41 0.19
C THR A 198 19.47 24.40 -1.35
N SER A 199 20.36 25.26 -1.89
CA SER A 199 20.58 25.34 -3.33
C SER A 199 21.96 24.81 -3.71
N GLY A 200 22.69 24.20 -2.75
CA GLY A 200 23.90 23.45 -3.09
C GLY A 200 23.58 22.00 -3.43
N SER A 201 24.39 21.42 -4.35
CA SER A 201 24.39 19.99 -4.65
C SER A 201 24.54 19.10 -3.41
N ARG A 202 23.79 17.98 -3.44
CA ARG A 202 23.82 16.95 -2.42
C ARG A 202 23.17 15.71 -3.03
N VAL A 203 23.57 14.53 -2.55
CA VAL A 203 22.91 13.29 -2.92
C VAL A 203 21.49 13.32 -2.36
N CYS A 204 20.52 12.81 -3.14
CA CYS A 204 19.13 12.74 -2.69
C CYS A 204 18.69 11.30 -2.46
N GLY A 205 17.79 11.08 -1.52
CA GLY A 205 17.15 9.78 -1.37
C GLY A 205 17.90 8.79 -0.48
N ASN A 206 19.04 9.21 0.07
CA ASN A 206 19.95 8.34 0.81
C ASN A 206 19.92 8.78 2.27
N ARG A 207 19.41 7.88 3.12
CA ARG A 207 19.03 8.18 4.49
C ARG A 207 20.24 8.62 5.32
N LYS A 208 21.45 8.35 4.81
CA LYS A 208 22.67 8.63 5.54
C LYS A 208 23.14 10.05 5.25
N LYS A 209 22.54 10.70 4.22
CA LYS A 209 22.81 12.08 3.84
C LYS A 209 21.53 12.91 3.89
N PRO A 210 21.14 13.38 5.12
CA PRO A 210 19.88 14.07 5.32
C PRO A 210 19.74 15.34 4.47
N GLY A 211 18.48 15.70 4.16
CA GLY A 211 18.16 17.01 3.59
C GLY A 211 18.58 18.17 4.49
N ILE A 212 18.95 19.29 3.84
CA ILE A 212 19.44 20.50 4.49
C ILE A 212 18.55 21.66 4.06
N TYR A 213 18.10 22.44 5.06
CA TYR A 213 17.15 23.52 4.87
C TYR A 213 17.56 24.67 5.77
N THR A 214 17.59 25.89 5.23
CA THR A 214 18.01 27.06 5.97
C THR A 214 16.91 27.43 6.97
N ARG A 215 17.22 27.54 8.27
CA ARG A 215 16.21 27.97 9.22
C ARG A 215 15.91 29.46 9.01
N VAL A 216 14.68 29.77 8.60
CA VAL A 216 14.36 31.16 8.27
C VAL A 216 14.29 32.00 9.55
N ALA A 217 14.05 31.37 10.70
CA ALA A 217 13.87 32.10 11.95
C ALA A 217 15.19 32.72 12.42
N SER A 218 16.28 32.06 12.03
CA SER A 218 17.65 32.49 12.26
C SER A 218 17.94 33.79 11.51
N TYR A 219 17.15 34.10 10.45
CA TYR A 219 17.38 35.28 9.62
C TYR A 219 16.25 36.31 9.68
N ALA A 220 15.56 36.42 10.82
CA ALA A 220 14.43 37.33 10.92
C ALA A 220 14.89 38.79 10.74
N ALA A 221 16.08 39.15 11.25
CA ALA A 221 16.58 40.53 11.12
C ALA A 221 16.87 40.90 9.67
N TRP A 222 17.61 40.02 8.99
CA TRP A 222 17.97 40.25 7.61
C TRP A 222 16.72 40.45 6.74
N ILE A 223 15.72 39.55 6.90
CA ILE A 223 14.56 39.52 6.03
C ILE A 223 13.81 40.83 6.14
N ASP A 224 13.37 41.14 7.36
CA ASP A 224 12.82 42.43 7.73
C ASP A 224 13.59 43.59 7.11
N SER A 225 14.93 43.64 7.27
CA SER A 225 15.69 44.78 6.80
C SER A 225 15.57 44.94 5.27
N VAL A 226 15.24 43.85 4.56
CA VAL A 226 15.06 43.87 3.12
C VAL A 226 13.60 44.21 2.80
N LEU A 227 12.67 43.72 3.63
CA LEU A 227 11.23 43.93 3.47
C LEU A 227 10.78 45.26 4.08
N ALA A 228 11.65 45.94 4.83
CA ALA A 228 11.40 47.34 5.14
C ALA A 228 11.38 48.12 3.83
N SER A 229 12.45 47.95 3.03
CA SER A 229 12.78 48.77 1.88
C SER A 229 12.12 48.28 0.59
N ALA A 230 12.12 49.17 -0.43
CA ALA A 230 11.54 48.96 -1.75
C ALA A 230 10.04 48.60 -1.64
N ILE B 1 -4.58 12.43 28.02
CA ILE B 1 -3.23 12.08 28.55
C ILE B 1 -2.94 13.05 29.68
N LEU B 2 -2.64 12.52 30.86
CA LEU B 2 -2.27 13.34 32.00
C LEU B 2 -0.75 13.34 32.16
N GLY B 3 -0.19 14.47 32.59
CA GLY B 3 1.22 14.53 32.92
C GLY B 3 2.11 14.22 31.72
N GLY B 4 1.55 14.34 30.51
CA GLY B 4 2.28 14.07 29.28
C GLY B 4 2.92 15.34 28.71
N ARG B 5 3.22 15.31 27.41
CA ARG B 5 3.80 16.43 26.68
C ARG B 5 3.22 16.33 25.26
N GLU B 6 3.21 17.46 24.55
CA GLU B 6 2.72 17.48 23.18
C GLU B 6 3.50 16.49 22.29
N ALA B 7 2.78 15.70 21.49
CA ALA B 7 3.44 14.81 20.54
C ALA B 7 3.95 15.62 19.36
N GLU B 8 4.93 15.05 18.65
CA GLU B 8 5.49 15.65 17.44
C GLU B 8 4.55 15.34 16.28
N ALA B 9 4.28 16.36 15.47
CA ALA B 9 3.20 16.28 14.50
C ALA B 9 3.51 15.14 13.53
N HIS B 10 2.64 14.11 13.58
CA HIS B 10 2.55 13.05 12.59
C HIS B 10 3.63 11.98 12.82
N ALA B 11 4.48 12.15 13.83
CA ALA B 11 5.51 11.17 14.16
C ALA B 11 4.93 9.81 14.56
N ARG B 12 3.64 9.75 14.98
CA ARG B 12 2.94 8.49 15.23
C ARG B 12 1.88 8.27 14.15
N PRO B 13 2.26 7.81 12.93
CA PRO B 13 1.36 7.85 11.76
C PRO B 13 0.18 6.90 11.78
N TYR B 14 0.17 6.00 12.79
CA TYR B 14 -0.89 5.03 13.00
C TYR B 14 -2.03 5.64 13.80
N MET B 15 -1.82 6.80 14.43
CA MET B 15 -2.81 7.34 15.37
C MET B 15 -4.07 7.80 14.64
N ALA B 16 -5.23 7.30 15.11
CA ALA B 16 -6.56 7.62 14.63
C ALA B 16 -7.43 8.26 15.71
N SER B 17 -8.26 9.21 15.27
CA SER B 17 -9.26 9.81 16.14
C SER B 17 -10.62 9.32 15.68
N VAL B 18 -11.34 8.66 16.61
CA VAL B 18 -12.66 8.12 16.35
C VAL B 18 -13.68 9.10 16.93
N GLN B 19 -14.69 9.42 16.12
CA GLN B 19 -15.40 10.69 16.22
C GLN B 19 -16.88 10.52 15.92
N LEU B 20 -17.73 11.10 16.77
CA LEU B 20 -19.15 11.09 16.53
C LEU B 20 -19.53 12.43 15.90
N ASN B 21 -19.45 12.46 14.56
CA ASN B 21 -19.84 13.62 13.77
C ASN B 21 -18.85 14.77 13.97
N GLY B 22 -17.54 14.48 13.85
CA GLY B 22 -16.50 15.50 13.90
C GLY B 22 -16.08 15.91 15.31
N ALA B 23 -16.69 15.34 16.36
CA ALA B 23 -16.23 15.47 17.75
C ALA B 23 -15.46 14.22 18.20
N HIS B 24 -14.24 14.40 18.76
CA HIS B 24 -13.40 13.29 19.20
C HIS B 24 -14.01 12.54 20.38
N LEU B 25 -14.13 11.21 20.27
CA LEU B 25 -14.57 10.36 21.37
C LEU B 25 -13.46 9.42 21.84
N CYS B 26 -12.70 8.83 20.93
CA CYS B 26 -11.72 7.84 21.32
C CYS B 26 -10.51 7.85 20.39
N GLY B 27 -9.35 7.37 20.90
CA GLY B 27 -8.25 6.98 20.03
C GLY B 27 -8.56 5.72 19.23
N GLY B 28 -7.77 5.51 18.17
CA GLY B 28 -7.71 4.25 17.48
C GLY B 28 -6.39 4.10 16.75
N VAL B 29 -6.13 2.90 16.21
CA VAL B 29 -4.83 2.53 15.69
C VAL B 29 -5.03 1.93 14.30
N LEU B 30 -4.47 2.58 13.28
CA LEU B 30 -4.44 1.99 11.96
C LEU B 30 -3.55 0.75 11.98
N VAL B 31 -4.16 -0.43 11.82
CA VAL B 31 -3.45 -1.71 11.78
C VAL B 31 -3.49 -2.34 10.36
N ALA B 32 -4.24 -1.73 9.44
CA ALA B 32 -4.31 -2.17 8.06
C ALA B 32 -4.77 -0.97 7.20
N GLU B 33 -4.51 -1.05 5.89
CA GLU B 33 -4.95 -0.05 4.93
C GLU B 33 -6.40 0.40 5.15
N GLN B 34 -7.28 -0.51 5.61
CA GLN B 34 -8.70 -0.24 5.73
C GLN B 34 -9.23 -0.46 7.16
N TRP B 35 -8.40 -0.83 8.14
CA TRP B 35 -8.95 -1.17 9.44
C TRP B 35 -8.29 -0.36 10.55
N VAL B 36 -9.13 0.24 11.40
CA VAL B 36 -8.69 0.91 12.61
C VAL B 36 -9.13 0.11 13.83
N LEU B 37 -8.15 -0.34 14.64
CA LEU B 37 -8.45 -0.99 15.91
C LEU B 37 -8.69 0.08 16.97
N SER B 38 -9.76 -0.10 17.76
CA SER B 38 -10.08 0.78 18.87
C SER B 38 -10.61 -0.08 20.03
N ALA B 39 -11.46 0.51 20.89
CA ALA B 39 -12.03 -0.16 22.05
C ALA B 39 -13.57 -0.21 21.94
N ALA B 40 -14.18 -1.23 22.58
CA ALA B 40 -15.55 -1.60 22.24
C ALA B 40 -16.54 -0.57 22.76
N HIS B 41 -16.23 0.06 23.90
CA HIS B 41 -17.23 0.94 24.53
C HIS B 41 -17.14 2.37 24.00
N CYS B 42 -16.28 2.61 23.01
CA CYS B 42 -16.32 3.86 22.28
C CYS B 42 -17.58 3.93 21.45
N LEU B 43 -17.83 2.86 20.67
CA LEU B 43 -19.00 2.72 19.78
C LEU B 43 -20.28 3.16 20.51
N GLU B 44 -20.47 2.62 21.72
CA GLU B 44 -21.61 2.95 22.57
C GLU B 44 -21.43 4.39 23.10
N GLY B 49 -25.92 7.74 16.35
CA GLY B 49 -25.21 8.74 15.50
C GLY B 49 -24.09 8.11 14.68
N LYS B 50 -23.57 8.89 13.71
CA LYS B 50 -22.64 8.38 12.70
C LYS B 50 -21.18 8.59 13.11
N VAL B 51 -20.40 7.50 12.99
CA VAL B 51 -19.03 7.39 13.49
C VAL B 51 -18.06 7.49 12.30
N GLN B 52 -17.00 8.30 12.49
CA GLN B 52 -16.00 8.54 11.47
C GLN B 52 -14.61 8.47 12.10
N VAL B 53 -13.60 8.26 11.25
CA VAL B 53 -12.23 8.12 11.69
C VAL B 53 -11.38 9.14 10.96
N LEU B 54 -10.67 9.94 11.76
CA LEU B 54 -9.74 10.94 11.25
C LEU B 54 -8.34 10.35 11.29
N LEU B 55 -7.68 10.28 10.13
CA LEU B 55 -6.28 9.88 10.03
C LEU B 55 -5.36 11.08 9.71
N GLY B 56 -4.06 10.87 9.92
CA GLY B 56 -3.02 11.81 9.50
C GLY B 56 -3.03 13.13 10.27
N ALA B 57 -3.63 13.14 11.48
CA ALA B 57 -3.91 14.38 12.19
C ALA B 57 -2.93 14.60 13.34
N HIS B 58 -2.60 15.86 13.58
CA HIS B 58 -1.96 16.27 14.82
C HIS B 58 -2.94 17.10 15.62
N SER B 59 -3.30 18.27 15.06
CA SER B 59 -4.37 19.14 15.54
C SER B 59 -5.71 18.56 15.08
N LEU B 60 -6.75 18.67 15.92
CA LEU B 60 -8.10 18.21 15.60
C LEU B 60 -8.79 19.21 14.66
N SER B 61 -8.55 20.52 14.88
CA SER B 61 -9.29 21.63 14.29
C SER B 61 -8.56 22.28 13.10
N GLN B 62 -7.22 22.37 13.16
CA GLN B 62 -6.42 23.12 12.19
C GLN B 62 -6.22 22.35 10.86
N PRO B 63 -6.08 23.07 9.72
CA PRO B 63 -5.77 22.43 8.43
C PRO B 63 -4.32 21.94 8.34
N GLU B 64 -4.18 20.71 7.83
CA GLU B 64 -2.93 19.95 7.80
C GLU B 64 -2.94 19.10 6.54
N PRO B 65 -1.80 18.96 5.83
CA PRO B 65 -1.79 18.27 4.55
C PRO B 65 -2.23 16.81 4.62
N SER B 66 -1.93 16.14 5.73
CA SER B 66 -2.09 14.70 5.86
C SER B 66 -3.49 14.34 6.39
N LYS B 67 -4.20 15.31 6.96
CA LYS B 67 -5.50 15.04 7.56
C LYS B 67 -6.49 14.55 6.49
N ARG B 68 -7.28 13.53 6.85
CA ARG B 68 -8.24 12.92 5.96
C ARG B 68 -9.23 12.18 6.84
N LEU B 69 -10.52 12.58 6.77
CA LEU B 69 -11.62 11.98 7.51
C LEU B 69 -12.30 10.88 6.69
N TYR B 70 -12.48 9.70 7.30
CA TYR B 70 -13.09 8.55 6.64
C TYR B 70 -14.43 8.16 7.28
N ASP B 71 -15.34 7.64 6.45
CA ASP B 71 -16.58 7.07 6.92
C ASP B 71 -16.28 5.64 7.39
N VAL B 72 -17.16 5.07 8.21
CA VAL B 72 -17.02 3.69 8.67
C VAL B 72 -18.07 2.78 8.00
N LEU B 73 -17.59 1.78 7.27
CA LEU B 73 -18.42 0.81 6.56
C LEU B 73 -19.05 -0.21 7.51
N ARG B 74 -18.29 -0.78 8.47
CA ARG B 74 -18.91 -1.59 9.52
C ARG B 74 -17.98 -1.73 10.74
N ALA B 75 -18.62 -1.71 11.93
CA ALA B 75 -17.95 -1.81 13.21
C ALA B 75 -18.03 -3.25 13.74
N VAL B 76 -16.86 -3.81 14.10
CA VAL B 76 -16.79 -5.19 14.56
C VAL B 76 -16.16 -5.20 15.96
N PRO B 77 -17.03 -5.08 16.99
CA PRO B 77 -16.64 -5.31 18.39
C PRO B 77 -16.32 -6.80 18.57
N HIS B 78 -15.41 -7.10 19.50
CA HIS B 78 -15.08 -8.50 19.76
C HIS B 78 -16.38 -9.20 20.15
N PRO B 79 -16.68 -10.41 19.61
CA PRO B 79 -17.96 -11.06 19.89
C PRO B 79 -18.20 -11.25 21.40
N ASP B 80 -17.14 -11.27 22.21
CA ASP B 80 -17.33 -11.57 23.62
C ASP B 80 -17.33 -10.28 24.47
N SER B 81 -17.48 -9.11 23.87
CA SER B 81 -17.53 -7.89 24.67
C SER B 81 -18.94 -7.65 25.20
N GLN B 82 -18.99 -6.89 26.28
CA GLN B 82 -20.21 -6.69 27.06
C GLN B 82 -20.18 -5.26 27.61
N PRO B 83 -21.36 -4.60 27.77
CA PRO B 83 -21.44 -3.25 28.35
C PRO B 83 -20.81 -3.01 29.73
N ASP B 84 -20.90 -3.99 30.65
CA ASP B 84 -20.33 -3.86 31.98
C ASP B 84 -18.80 -3.88 31.94
N THR B 85 -18.26 -4.84 31.17
CA THR B 85 -16.95 -5.43 31.43
C THR B 85 -15.85 -4.66 30.71
N ILE B 86 -14.61 -4.83 31.18
CA ILE B 86 -13.42 -4.33 30.51
C ILE B 86 -12.77 -5.47 29.72
N ASP B 87 -13.46 -6.62 29.66
CA ASP B 87 -12.92 -7.77 28.96
C ASP B 87 -13.29 -7.66 27.48
N HIS B 88 -12.38 -8.18 26.64
CA HIS B 88 -12.59 -8.26 25.21
C HIS B 88 -12.84 -6.84 24.64
N ASP B 89 -12.07 -5.86 25.13
CA ASP B 89 -12.36 -4.45 24.91
C ASP B 89 -11.73 -3.98 23.60
N LEU B 90 -12.01 -4.69 22.51
CA LEU B 90 -11.51 -4.36 21.18
C LEU B 90 -12.67 -4.08 20.22
N LEU B 91 -12.42 -3.21 19.23
CA LEU B 91 -13.37 -2.90 18.17
C LEU B 91 -12.57 -2.68 16.88
N LEU B 92 -13.05 -3.23 15.77
CA LEU B 92 -12.35 -3.10 14.51
C LEU B 92 -13.25 -2.40 13.51
N LEU B 93 -12.83 -1.22 13.07
CA LEU B 93 -13.63 -0.34 12.22
C LEU B 93 -13.15 -0.47 10.78
N GLN B 94 -14.05 -0.85 9.86
CA GLN B 94 -13.74 -0.84 8.44
C GLN B 94 -14.04 0.56 7.88
N LEU B 95 -13.03 1.20 7.30
CA LEU B 95 -13.14 2.53 6.69
C LEU B 95 -13.88 2.41 5.35
N SER B 96 -14.52 3.50 4.92
CA SER B 96 -15.25 3.57 3.66
C SER B 96 -14.39 3.04 2.52
N GLU B 97 -13.15 3.55 2.46
CA GLU B 97 -12.23 3.17 1.41
C GLU B 97 -10.87 2.93 2.04
N LYS B 98 -9.92 2.42 1.22
CA LYS B 98 -8.54 2.25 1.62
C LYS B 98 -7.95 3.61 1.98
N ALA B 99 -7.22 3.65 3.09
CA ALA B 99 -6.56 4.87 3.52
C ALA B 99 -5.44 5.25 2.54
N THR B 100 -5.26 6.55 2.36
CA THR B 100 -4.15 7.08 1.58
C THR B 100 -2.88 7.00 2.42
N LEU B 101 -2.09 5.94 2.19
CA LEU B 101 -0.88 5.72 2.96
C LEU B 101 0.16 6.78 2.60
N GLY B 102 1.03 7.09 3.56
CA GLY B 102 2.09 8.05 3.42
C GLY B 102 2.99 8.07 4.67
N PRO B 103 3.89 9.08 4.81
CA PRO B 103 4.68 9.24 6.02
C PRO B 103 3.86 9.55 7.28
N ALA B 104 2.71 10.20 7.10
CA ALA B 104 1.83 10.63 8.19
C ALA B 104 0.70 9.64 8.50
N VAL B 105 0.45 8.69 7.57
CA VAL B 105 -0.61 7.70 7.70
C VAL B 105 -0.05 6.31 7.36
N ARG B 106 0.25 5.51 8.38
CA ARG B 106 1.02 4.29 8.21
C ARG B 106 0.49 3.31 9.26
N PRO B 107 0.14 2.05 8.89
CA PRO B 107 -0.30 1.06 9.86
C PRO B 107 0.81 0.68 10.84
N LEU B 108 0.41 0.25 12.04
CA LEU B 108 1.37 -0.05 13.10
C LEU B 108 1.44 -1.57 13.28
N PRO B 109 2.62 -2.20 13.06
CA PRO B 109 2.76 -3.62 13.34
C PRO B 109 2.44 -3.84 14.82
N TRP B 110 1.59 -4.83 15.08
CA TRP B 110 1.11 -5.14 16.43
C TRP B 110 1.68 -6.50 16.85
N GLN B 111 1.64 -6.79 18.15
CA GLN B 111 2.36 -7.95 18.70
C GLN B 111 1.57 -9.23 18.41
N ARG B 112 2.23 -10.16 17.71
CA ARG B 112 1.67 -11.46 17.37
C ARG B 112 2.03 -12.51 18.44
N VAL B 113 3.21 -12.38 19.03
CA VAL B 113 3.74 -13.41 19.89
C VAL B 113 3.24 -13.17 21.32
N ASP B 114 2.57 -14.18 21.89
CA ASP B 114 1.86 -13.99 23.13
C ASP B 114 2.82 -14.18 24.30
N ARG B 115 3.62 -13.14 24.59
CA ARG B 115 4.31 -13.03 25.87
C ARG B 115 4.34 -11.56 26.33
N ASP B 116 4.43 -11.42 27.66
CA ASP B 116 4.41 -10.17 28.39
C ASP B 116 5.60 -9.29 28.00
N VAL B 117 5.36 -7.98 27.97
CA VAL B 117 6.43 -6.99 27.88
C VAL B 117 7.22 -7.08 29.17
N ALA B 118 8.56 -7.08 29.07
CA ALA B 118 9.37 -7.07 30.27
C ALA B 118 8.83 -5.98 31.21
N PRO B 119 8.47 -6.34 32.47
CA PRO B 119 8.13 -5.34 33.48
C PRO B 119 9.19 -4.26 33.67
N GLY B 120 8.76 -3.00 33.86
CA GLY B 120 9.70 -1.88 33.98
C GLY B 120 9.89 -1.15 32.64
N THR B 121 9.61 -1.86 31.54
CA THR B 121 9.72 -1.29 30.20
C THR B 121 8.85 -0.05 30.04
N LEU B 122 9.46 1.06 29.57
CA LEU B 122 8.66 2.24 29.30
C LEU B 122 7.99 2.07 27.95
N CYS B 123 6.67 2.23 27.91
CA CYS B 123 5.96 2.23 26.65
C CYS B 123 5.20 3.55 26.48
N ASP B 124 4.87 3.86 25.22
CA ASP B 124 4.39 5.16 24.80
C ASP B 124 2.87 5.07 24.56
N VAL B 125 2.11 5.93 25.24
CA VAL B 125 0.68 6.06 25.04
C VAL B 125 0.39 7.46 24.51
N ALA B 126 -0.25 7.52 23.32
CA ALA B 126 -0.75 8.75 22.73
C ALA B 126 -2.29 8.80 22.75
N GLY B 127 -2.81 10.04 22.74
CA GLY B 127 -4.22 10.28 22.54
C GLY B 127 -4.57 11.77 22.61
N TRP B 128 -5.83 12.05 22.29
CA TRP B 128 -6.46 13.35 22.44
C TRP B 128 -7.40 13.36 23.65
N GLY B 129 -7.13 12.47 24.63
CA GLY B 129 -7.91 12.46 25.85
C GLY B 129 -7.65 13.72 26.67
N ILE B 130 -8.47 13.92 27.72
CA ILE B 130 -8.39 15.07 28.60
C ILE B 130 -7.00 15.14 29.23
N VAL B 131 -6.52 16.38 29.46
CA VAL B 131 -5.19 16.68 29.98
C VAL B 131 -5.23 17.24 31.40
N ASN B 132 -6.44 17.41 31.99
CA ASN B 132 -6.57 17.63 33.42
C ASN B 132 -7.87 17.02 33.93
N HIS B 133 -8.07 17.14 35.25
CA HIS B 133 -9.24 16.60 35.90
C HIS B 133 -10.48 17.46 35.65
N ALA B 134 -10.26 18.70 35.19
CA ALA B 134 -11.35 19.57 34.74
C ALA B 134 -11.96 19.02 33.44
N GLY B 135 -11.18 18.26 32.67
CA GLY B 135 -11.66 17.68 31.41
C GLY B 135 -11.23 18.45 30.16
N ARG B 136 -10.25 19.37 30.29
CA ARG B 136 -9.75 20.10 29.13
C ARG B 136 -9.43 19.11 28.02
N ARG B 137 -10.08 19.33 26.86
CA ARG B 137 -9.88 18.55 25.64
C ARG B 137 -8.75 19.20 24.82
N PRO B 138 -7.59 18.53 24.62
CA PRO B 138 -6.50 19.11 23.83
C PRO B 138 -6.83 19.08 22.33
N ASP B 139 -6.50 20.17 21.65
CA ASP B 139 -6.62 20.24 20.21
C ASP B 139 -5.58 19.33 19.58
N SER B 140 -4.38 19.35 20.17
CA SER B 140 -3.22 18.69 19.57
C SER B 140 -2.92 17.37 20.28
N LEU B 141 -2.42 16.39 19.50
CA LEU B 141 -2.11 15.05 20.03
C LEU B 141 -1.06 15.14 21.13
N GLN B 142 -1.32 14.42 22.24
CA GLN B 142 -0.41 14.32 23.37
C GLN B 142 0.10 12.88 23.47
N HIS B 143 1.16 12.67 24.25
CA HIS B 143 1.67 11.36 24.62
C HIS B 143 2.34 11.39 25.99
N VAL B 144 2.63 10.20 26.51
CA VAL B 144 3.45 10.08 27.71
C VAL B 144 4.11 8.70 27.71
N LEU B 145 5.33 8.58 28.26
CA LEU B 145 5.95 7.29 28.52
C LEU B 145 5.53 6.81 29.90
N LEU B 146 5.18 5.51 29.97
CA LEU B 146 4.66 4.85 31.17
C LEU B 146 5.35 3.49 31.31
N PRO B 147 5.86 3.16 32.52
CA PRO B 147 6.34 1.82 32.80
C PRO B 147 5.25 0.77 32.98
N VAL B 148 5.57 -0.43 32.48
CA VAL B 148 4.66 -1.57 32.51
C VAL B 148 4.84 -2.34 33.82
N LEU B 149 3.71 -2.76 34.40
CA LEU B 149 3.73 -3.46 35.67
C LEU B 149 3.85 -4.96 35.42
N ASP B 150 4.11 -5.73 36.49
CA ASP B 150 4.20 -7.18 36.34
C ASP B 150 2.78 -7.76 36.36
N ARG B 151 2.64 -8.96 35.78
CA ARG B 151 1.40 -9.71 35.76
C ARG B 151 0.68 -9.62 37.11
N ALA B 152 1.41 -9.94 38.19
CA ALA B 152 0.86 -10.10 39.53
C ALA B 152 0.43 -8.77 40.14
N THR B 153 1.22 -7.70 39.90
CA THR B 153 0.86 -6.37 40.39
C THR B 153 -0.38 -5.87 39.65
N CYS B 154 -0.58 -6.30 38.39
CA CYS B 154 -1.73 -5.84 37.61
C CYS B 154 -3.02 -6.54 38.08
N ASN B 155 -2.96 -7.88 38.26
CA ASN B 155 -4.11 -8.70 38.65
C ASN B 155 -4.51 -8.40 40.10
N THR B 165 -5.91 -9.92 34.82
CA THR B 165 -6.13 -10.97 33.81
C THR B 165 -4.87 -11.14 32.96
N GLU B 166 -4.80 -12.31 32.29
CA GLU B 166 -3.78 -12.67 31.32
C GLU B 166 -3.94 -11.87 30.01
N ARG B 167 -5.15 -11.35 29.76
CA ARG B 167 -5.44 -10.67 28.49
C ARG B 167 -5.39 -9.14 28.66
N LEU B 168 -5.17 -8.63 29.89
CA LEU B 168 -4.93 -7.21 30.14
C LEU B 168 -3.51 -7.00 30.61
N MET B 169 -2.99 -5.79 30.40
CA MET B 169 -1.73 -5.35 30.99
C MET B 169 -1.94 -3.99 31.68
N CYS B 170 -1.00 -3.65 32.56
CA CYS B 170 -1.11 -2.47 33.41
C CYS B 170 0.16 -1.63 33.30
N ALA B 171 -0.03 -0.30 33.28
CA ALA B 171 1.09 0.62 33.40
C ALA B 171 0.89 1.48 34.65
N GLU B 172 1.99 2.11 35.07
CA GLU B 172 1.98 3.02 36.21
C GLU B 172 1.05 4.17 35.90
N SER B 173 0.45 4.73 36.96
CA SER B 173 -0.60 5.73 36.83
C SER B 173 -0.30 6.93 37.73
N ASN B 174 0.98 7.28 37.85
CA ASN B 174 1.45 8.19 38.90
C ASN B 174 1.53 9.61 38.35
N ARG B 175 0.34 10.23 38.25
CA ARG B 175 0.13 11.56 37.66
C ARG B 175 0.12 11.41 36.15
N ARG B 176 1.23 10.87 35.62
CA ARG B 176 1.35 10.42 34.25
C ARG B 176 0.43 9.23 34.02
N ASP B 177 -0.51 9.35 33.07
CA ASP B 177 -1.50 8.30 32.81
C ASP B 177 -2.33 8.59 31.57
N SER B 178 -3.04 7.55 31.12
CA SER B 178 -4.11 7.66 30.13
C SER B 178 -5.38 8.08 30.88
N CYS B 179 -6.32 8.71 30.17
CA CYS B 179 -7.52 9.26 30.78
C CYS B 179 -8.65 9.25 29.75
N LYS B 180 -9.80 9.80 30.16
CA LYS B 180 -10.99 9.84 29.31
C LYS B 180 -10.59 10.35 27.93
N GLY B 181 -11.01 9.61 26.89
CA GLY B 181 -10.75 10.02 25.53
C GLY B 181 -9.48 9.40 24.94
N ASP B 182 -8.63 8.82 25.79
CA ASP B 182 -7.45 8.09 25.32
C ASP B 182 -7.84 6.65 25.04
N SER B 183 -9.05 6.27 25.47
CA SER B 183 -9.63 4.97 25.17
C SER B 183 -9.57 4.67 23.67
N GLY B 184 -9.12 3.43 23.35
CA GLY B 184 -9.06 2.94 21.99
C GLY B 184 -7.68 3.13 21.36
N GLY B 185 -6.83 3.98 21.97
CA GLY B 185 -5.53 4.34 21.41
C GLY B 185 -4.44 3.33 21.79
N PRO B 186 -3.20 3.54 21.34
CA PRO B 186 -2.13 2.56 21.53
C PRO B 186 -1.16 2.75 22.69
N LEU B 187 -0.81 1.64 23.35
CA LEU B 187 0.39 1.53 24.16
C LEU B 187 1.46 0.83 23.31
N VAL B 188 2.56 1.52 23.03
CA VAL B 188 3.56 1.06 22.08
C VAL B 188 4.89 0.83 22.79
N CYS B 189 5.53 -0.31 22.54
CA CYS B 189 6.81 -0.66 23.14
C CYS B 189 7.77 -1.10 22.03
N GLY B 190 8.96 -0.48 21.99
CA GLY B 190 9.97 -0.75 20.97
C GLY B 190 9.41 -0.74 19.55
N GLY B 191 8.47 0.17 19.27
CA GLY B 191 7.94 0.40 17.92
C GLY B 191 6.85 -0.61 17.52
N VAL B 192 6.31 -1.36 18.48
CA VAL B 192 5.33 -2.41 18.21
C VAL B 192 4.11 -2.21 19.12
N LEU B 193 2.91 -2.14 18.52
CA LEU B 193 1.68 -2.06 19.31
C LEU B 193 1.59 -3.25 20.26
N GLU B 194 1.33 -2.96 21.55
CA GLU B 194 1.26 -3.96 22.62
C GLU B 194 -0.10 -3.89 23.31
N GLY B 195 -0.57 -2.69 23.65
CA GLY B 195 -1.88 -2.59 24.30
C GLY B 195 -2.84 -1.63 23.60
N VAL B 196 -4.14 -1.82 23.85
CA VAL B 196 -5.15 -0.83 23.54
C VAL B 196 -5.77 -0.35 24.85
N VAL B 197 -5.87 0.98 25.02
CA VAL B 197 -6.36 1.62 26.23
C VAL B 197 -7.81 1.18 26.47
N THR B 198 -8.14 0.83 27.72
CA THR B 198 -9.49 0.44 28.10
C THR B 198 -10.50 1.55 27.78
N SER B 199 -11.74 1.14 27.47
CA SER B 199 -12.84 2.08 27.26
C SER B 199 -13.74 2.10 28.49
N GLY B 200 -13.31 1.43 29.56
CA GLY B 200 -14.05 1.41 30.81
C GLY B 200 -13.60 2.56 31.72
N SER B 201 -14.60 3.29 32.23
CA SER B 201 -14.39 4.37 33.17
C SER B 201 -13.48 3.91 34.31
N ARG B 202 -12.37 4.63 34.51
CA ARG B 202 -11.46 4.46 35.63
C ARG B 202 -11.03 5.84 36.12
N VAL B 203 -10.31 5.85 37.26
CA VAL B 203 -9.64 7.03 37.78
C VAL B 203 -8.27 7.19 37.10
N CYS B 204 -7.89 8.44 36.84
CA CYS B 204 -6.65 8.76 36.16
C CYS B 204 -5.68 9.41 37.14
N GLY B 205 -4.40 9.07 37.04
CA GLY B 205 -3.35 9.82 37.73
C GLY B 205 -3.19 9.43 39.20
N ASN B 206 -3.88 8.36 39.63
CA ASN B 206 -3.79 7.85 40.99
C ASN B 206 -2.90 6.62 40.98
N ARG B 207 -1.76 6.68 41.68
CA ARG B 207 -0.73 5.65 41.56
C ARG B 207 -1.26 4.28 41.99
N LYS B 208 -2.29 4.24 42.85
CA LYS B 208 -2.80 3.01 43.42
C LYS B 208 -3.74 2.29 42.44
N LYS B 209 -4.16 3.02 41.39
CA LYS B 209 -5.08 2.52 40.38
C LYS B 209 -4.41 2.55 39.00
N PRO B 210 -3.61 1.51 38.64
CA PRO B 210 -2.87 1.46 37.38
C PRO B 210 -3.77 1.47 36.16
N GLY B 211 -3.27 2.11 35.09
CA GLY B 211 -3.92 2.13 33.80
C GLY B 211 -4.08 0.72 33.27
N ILE B 212 -5.18 0.49 32.55
CA ILE B 212 -5.50 -0.82 32.03
C ILE B 212 -5.54 -0.74 30.50
N TYR B 213 -4.92 -1.74 29.86
CA TYR B 213 -4.78 -1.81 28.43
C TYR B 213 -4.92 -3.27 28.01
N THR B 214 -5.65 -3.49 26.90
CA THR B 214 -5.83 -4.80 26.30
C THR B 214 -4.56 -5.23 25.58
N ARG B 215 -4.07 -6.44 25.86
CA ARG B 215 -2.88 -6.92 25.20
C ARG B 215 -3.34 -7.42 23.84
N VAL B 216 -2.85 -6.78 22.75
CA VAL B 216 -3.32 -7.16 21.43
C VAL B 216 -2.89 -8.59 21.15
N ALA B 217 -1.78 -9.01 21.75
CA ALA B 217 -1.16 -10.30 21.49
C ALA B 217 -2.10 -11.46 21.83
N SER B 218 -3.01 -11.27 22.80
CA SER B 218 -3.97 -12.31 23.17
C SER B 218 -5.02 -12.48 22.08
N TYR B 219 -5.21 -11.42 21.26
CA TYR B 219 -6.30 -11.34 20.29
C TYR B 219 -5.81 -11.41 18.84
N ALA B 220 -4.58 -11.87 18.63
CA ALA B 220 -3.94 -11.89 17.32
C ALA B 220 -4.73 -12.72 16.30
N ALA B 221 -5.21 -13.91 16.68
CA ALA B 221 -5.95 -14.71 15.73
C ALA B 221 -7.24 -13.98 15.32
N TRP B 222 -7.91 -13.36 16.30
CA TRP B 222 -9.18 -12.67 16.04
C TRP B 222 -8.98 -11.50 15.10
N ILE B 223 -7.88 -10.78 15.24
CA ILE B 223 -7.68 -9.60 14.44
C ILE B 223 -7.33 -10.03 13.02
N ASP B 224 -6.40 -10.98 12.88
CA ASP B 224 -6.10 -11.60 11.61
C ASP B 224 -7.39 -12.01 10.88
N SER B 225 -8.34 -12.62 11.63
CA SER B 225 -9.57 -13.19 11.07
C SER B 225 -10.56 -12.12 10.59
N VAL B 226 -10.51 -10.88 11.14
CA VAL B 226 -11.38 -9.81 10.69
C VAL B 226 -10.75 -9.12 9.48
N LEU B 227 -9.42 -8.99 9.49
CA LEU B 227 -8.68 -8.30 8.44
C LEU B 227 -8.57 -9.16 7.18
N ALA B 228 -8.94 -10.45 7.29
CA ALA B 228 -8.59 -11.46 6.31
C ALA B 228 -9.40 -11.34 5.01
N SER B 229 -10.66 -10.88 5.08
CA SER B 229 -11.58 -11.07 3.95
C SER B 229 -11.32 -10.09 2.80
N ALA B 230 -10.52 -9.03 3.06
CA ALA B 230 -10.09 -8.04 2.09
C ALA B 230 -8.76 -8.46 1.44
N ILE C 1 6.98 -16.25 -4.75
CA ILE C 1 6.46 -16.64 -6.11
C ILE C 1 4.94 -16.78 -5.99
N LEU C 2 4.23 -16.06 -6.89
CA LEU C 2 2.79 -16.13 -7.01
C LEU C 2 2.40 -16.89 -8.28
N GLY C 3 1.25 -17.59 -8.20
CA GLY C 3 0.69 -18.31 -9.33
C GLY C 3 1.60 -19.43 -9.83
N GLY C 4 2.61 -19.78 -9.02
CA GLY C 4 3.66 -20.71 -9.40
C GLY C 4 3.34 -22.12 -8.94
N ARG C 5 4.39 -22.87 -8.62
CA ARG C 5 4.31 -24.31 -8.44
C ARG C 5 5.52 -24.78 -7.63
N GLU C 6 5.31 -25.77 -6.75
CA GLU C 6 6.40 -26.34 -5.98
C GLU C 6 7.49 -26.75 -6.97
N ALA C 7 8.75 -26.42 -6.64
CA ALA C 7 9.87 -26.80 -7.49
C ALA C 7 10.17 -28.27 -7.22
N GLU C 8 10.89 -28.94 -8.15
CA GLU C 8 11.34 -30.31 -7.98
C GLU C 8 12.55 -30.33 -7.06
N ALA C 9 12.58 -31.27 -6.12
CA ALA C 9 13.60 -31.26 -5.08
C ALA C 9 14.98 -31.22 -5.73
N HIS C 10 15.67 -30.09 -5.53
CA HIS C 10 17.09 -29.94 -5.86
C HIS C 10 17.34 -29.87 -7.35
N ALA C 11 16.29 -29.74 -8.18
CA ALA C 11 16.46 -29.72 -9.63
C ALA C 11 17.08 -28.38 -10.06
N ARG C 12 17.25 -27.44 -9.12
CA ARG C 12 17.86 -26.14 -9.43
C ARG C 12 19.08 -25.99 -8.52
N PRO C 13 20.19 -26.67 -8.86
CA PRO C 13 21.29 -26.83 -7.91
C PRO C 13 21.95 -25.53 -7.45
N TYR C 14 21.60 -24.41 -8.10
CA TYR C 14 22.23 -23.12 -7.89
C TYR C 14 21.41 -22.26 -6.92
N MET C 15 20.27 -22.79 -6.45
CA MET C 15 19.34 -22.00 -5.68
C MET C 15 19.91 -21.86 -4.27
N ALA C 16 19.89 -20.62 -3.77
CA ALA C 16 20.46 -20.29 -2.48
C ALA C 16 19.44 -19.48 -1.69
N SER C 17 19.30 -19.80 -0.39
CA SER C 17 18.50 -19.00 0.54
C SER C 17 19.42 -18.11 1.37
N VAL C 18 19.31 -16.80 1.18
CA VAL C 18 20.05 -15.81 1.96
C VAL C 18 19.27 -15.54 3.24
N GLN C 19 19.86 -15.82 4.41
CA GLN C 19 19.11 -15.87 5.65
C GLN C 19 19.69 -14.89 6.67
N LEU C 20 18.81 -14.33 7.49
CA LEU C 20 19.15 -13.49 8.63
C LEU C 20 18.62 -14.15 9.92
N ASN C 21 19.50 -14.39 10.91
CA ASN C 21 19.16 -15.02 12.18
C ASN C 21 18.29 -16.26 11.95
N GLY C 22 18.67 -17.08 10.95
CA GLY C 22 18.04 -18.36 10.67
C GLY C 22 16.68 -18.25 9.98
N ALA C 23 16.41 -17.12 9.32
CA ALA C 23 15.17 -16.94 8.60
C ALA C 23 15.46 -16.38 7.21
N HIS C 24 14.83 -17.00 6.19
CA HIS C 24 14.96 -16.62 4.79
C HIS C 24 14.52 -15.17 4.59
N LEU C 25 15.42 -14.39 3.96
CA LEU C 25 15.13 -13.02 3.55
C LEU C 25 15.13 -12.87 2.03
N CYS C 26 16.03 -13.58 1.32
CA CYS C 26 16.22 -13.37 -0.10
C CYS C 26 16.73 -14.61 -0.80
N GLY C 27 16.51 -14.66 -2.11
CA GLY C 27 17.14 -15.65 -2.95
C GLY C 27 18.57 -15.26 -3.28
N GLY C 28 19.28 -16.24 -3.80
CA GLY C 28 20.61 -16.05 -4.36
C GLY C 28 20.90 -17.16 -5.36
N VAL C 29 21.95 -16.96 -6.13
CA VAL C 29 22.39 -17.91 -7.13
C VAL C 29 23.85 -18.16 -6.82
N LEU C 30 24.22 -19.43 -6.56
CA LEU C 30 25.63 -19.76 -6.50
C LEU C 30 26.20 -19.60 -7.91
N VAL C 31 27.17 -18.68 -8.06
CA VAL C 31 27.77 -18.39 -9.37
C VAL C 31 29.21 -18.89 -9.43
N ALA C 32 29.82 -19.15 -8.27
CA ALA C 32 31.12 -19.82 -8.22
C ALA C 32 31.17 -20.62 -6.92
N GLU C 33 32.21 -21.45 -6.78
CA GLU C 33 32.31 -22.38 -5.66
C GLU C 33 32.13 -21.63 -4.32
N GLN C 34 32.57 -20.36 -4.23
CA GLN C 34 32.55 -19.65 -2.96
C GLN C 34 31.80 -18.32 -3.07
N TRP C 35 30.97 -18.13 -4.12
CA TRP C 35 30.28 -16.87 -4.33
C TRP C 35 28.81 -17.04 -4.71
N VAL C 36 27.97 -16.30 -3.98
CA VAL C 36 26.54 -16.26 -4.21
C VAL C 36 26.13 -14.87 -4.65
N LEU C 37 25.50 -14.79 -5.83
CA LEU C 37 25.00 -13.55 -6.36
C LEU C 37 23.56 -13.37 -5.85
N SER C 38 23.33 -12.23 -5.18
CA SER C 38 22.03 -11.83 -4.66
C SER C 38 21.78 -10.36 -5.02
N ALA C 39 20.78 -9.73 -4.40
CA ALA C 39 20.50 -8.33 -4.67
C ALA C 39 20.81 -7.49 -3.43
N ALA C 40 21.09 -6.21 -3.66
CA ALA C 40 21.86 -5.39 -2.75
C ALA C 40 21.02 -4.81 -1.61
N HIS C 41 19.67 -4.81 -1.72
CA HIS C 41 18.79 -4.35 -0.64
C HIS C 41 18.51 -5.48 0.36
N CYS C 42 18.96 -6.70 0.09
CA CYS C 42 18.59 -7.84 0.91
C CYS C 42 19.14 -7.73 2.33
N LEU C 43 20.19 -6.92 2.54
CA LEU C 43 20.79 -6.81 3.86
C LEU C 43 20.41 -5.49 4.53
N GLU C 44 19.62 -4.65 3.87
CA GLU C 44 19.19 -3.42 4.51
C GLU C 44 18.69 -3.79 5.92
N GLY C 49 22.78 -8.86 13.04
CA GLY C 49 22.30 -10.27 12.93
C GLY C 49 23.30 -11.11 12.15
N LYS C 50 23.27 -12.44 12.36
CA LYS C 50 24.06 -13.37 11.56
C LYS C 50 23.42 -13.54 10.17
N VAL C 51 24.19 -13.13 9.14
CA VAL C 51 23.88 -13.34 7.72
C VAL C 51 24.56 -14.63 7.23
N GLN C 52 23.76 -15.62 6.81
CA GLN C 52 24.26 -16.92 6.38
C GLN C 52 23.55 -17.31 5.07
N VAL C 53 24.13 -18.27 4.33
CA VAL C 53 23.56 -18.76 3.08
C VAL C 53 23.34 -20.26 3.18
N LEU C 54 22.12 -20.71 2.81
CA LEU C 54 21.81 -22.13 2.77
C LEU C 54 21.84 -22.60 1.32
N LEU C 55 22.70 -23.60 1.04
CA LEU C 55 22.76 -24.23 -0.27
C LEU C 55 22.14 -25.62 -0.20
N GLY C 56 21.75 -26.15 -1.37
CA GLY C 56 21.41 -27.55 -1.55
C GLY C 56 20.08 -27.89 -0.88
N ALA C 57 19.18 -26.91 -0.83
CA ALA C 57 17.93 -27.01 -0.09
C ALA C 57 16.75 -27.10 -1.03
N HIS C 58 15.74 -27.89 -0.62
CA HIS C 58 14.40 -27.76 -1.16
C HIS C 58 13.49 -27.18 -0.09
N SER C 59 13.45 -27.84 1.08
CA SER C 59 12.79 -27.37 2.29
C SER C 59 13.76 -26.60 3.17
N LEU C 60 13.30 -25.46 3.70
CA LEU C 60 14.04 -24.63 4.65
C LEU C 60 14.21 -25.27 6.04
N SER C 61 13.27 -26.14 6.43
CA SER C 61 13.15 -26.66 7.79
C SER C 61 13.55 -28.13 7.89
N GLN C 62 13.22 -28.95 6.88
CA GLN C 62 13.34 -30.40 6.97
C GLN C 62 14.73 -30.90 6.57
N PRO C 63 15.24 -31.99 7.21
CA PRO C 63 16.57 -32.53 6.91
C PRO C 63 16.65 -33.17 5.52
N GLU C 64 17.73 -32.84 4.80
CA GLU C 64 17.94 -33.25 3.43
C GLU C 64 19.41 -33.57 3.25
N PRO C 65 19.77 -34.64 2.50
CA PRO C 65 21.17 -35.01 2.30
C PRO C 65 22.06 -33.79 2.00
N SER C 66 21.69 -32.99 0.99
CA SER C 66 22.58 -31.99 0.40
C SER C 66 22.62 -30.65 1.15
N LYS C 67 21.73 -30.44 2.12
CA LYS C 67 21.60 -29.15 2.78
C LYS C 67 22.83 -28.82 3.62
N ARG C 68 23.56 -27.76 3.20
CA ARG C 68 24.73 -27.27 3.91
C ARG C 68 24.58 -25.75 4.10
N LEU C 69 24.68 -25.30 5.36
CA LEU C 69 24.65 -23.89 5.74
C LEU C 69 26.06 -23.30 5.81
N TYR C 70 26.24 -22.08 5.29
CA TYR C 70 27.53 -21.41 5.32
C TYR C 70 27.38 -20.02 5.92
N ASP C 71 28.38 -19.61 6.71
CA ASP C 71 28.57 -18.25 7.18
C ASP C 71 29.06 -17.41 6.01
N VAL C 72 28.94 -16.09 6.13
CA VAL C 72 29.30 -15.17 5.05
C VAL C 72 30.46 -14.29 5.52
N LEU C 73 31.51 -14.27 4.71
CA LEU C 73 32.80 -13.70 5.05
C LEU C 73 32.84 -12.22 4.62
N ARG C 74 32.40 -11.93 3.39
CA ARG C 74 32.27 -10.57 2.88
C ARG C 74 30.96 -10.42 2.10
N ALA C 75 30.39 -9.21 2.18
CA ALA C 75 29.25 -8.80 1.38
C ALA C 75 29.62 -7.59 0.52
N VAL C 76 29.67 -7.78 -0.82
CA VAL C 76 30.15 -6.77 -1.75
C VAL C 76 28.98 -6.22 -2.57
N PRO C 77 28.31 -5.14 -2.13
CA PRO C 77 27.24 -4.54 -2.95
C PRO C 77 27.83 -3.82 -4.16
N HIS C 78 27.09 -3.78 -5.27
CA HIS C 78 27.60 -3.03 -6.41
C HIS C 78 27.90 -1.61 -5.93
N PRO C 79 29.06 -1.00 -6.28
CA PRO C 79 29.43 0.33 -5.75
C PRO C 79 28.39 1.45 -5.96
N ASP C 80 27.61 1.36 -7.05
CA ASP C 80 26.62 2.37 -7.43
C ASP C 80 25.21 2.03 -6.95
N SER C 81 25.04 0.91 -6.23
CA SER C 81 23.76 0.57 -5.59
C SER C 81 23.39 1.63 -4.55
N GLN C 82 22.09 1.80 -4.35
CA GLN C 82 21.59 2.80 -3.43
C GLN C 82 20.20 2.34 -3.02
N PRO C 83 19.74 2.71 -1.80
CA PRO C 83 18.53 2.11 -1.23
C PRO C 83 17.18 2.62 -1.77
N ASP C 84 17.21 3.62 -2.65
CA ASP C 84 15.97 4.22 -3.16
C ASP C 84 15.74 3.90 -4.63
N THR C 85 16.57 3.04 -5.25
CA THR C 85 16.32 2.59 -6.62
C THR C 85 16.53 1.08 -6.72
N ILE C 86 16.05 0.49 -7.82
CA ILE C 86 16.32 -0.91 -8.14
C ILE C 86 17.42 -1.01 -9.20
N ASP C 87 18.27 0.01 -9.29
CA ASP C 87 19.32 0.04 -10.30
C ASP C 87 20.64 -0.36 -9.63
N HIS C 88 21.52 -1.05 -10.37
CA HIS C 88 22.80 -1.54 -9.85
C HIS C 88 22.60 -2.51 -8.67
N ASP C 89 21.52 -3.31 -8.73
CA ASP C 89 20.99 -4.01 -7.58
C ASP C 89 21.62 -5.41 -7.42
N LEU C 90 22.96 -5.47 -7.42
CA LEU C 90 23.66 -6.74 -7.29
C LEU C 90 24.50 -6.69 -6.02
N LEU C 91 24.49 -7.83 -5.33
CA LEU C 91 25.23 -8.05 -4.09
C LEU C 91 25.92 -9.38 -4.31
N LEU C 92 27.26 -9.40 -4.20
CA LEU C 92 27.96 -10.67 -4.17
C LEU C 92 28.30 -11.04 -2.73
N LEU C 93 28.04 -12.31 -2.40
CA LEU C 93 28.26 -12.85 -1.07
C LEU C 93 29.35 -13.92 -1.14
N GLN C 94 30.41 -13.73 -0.35
CA GLN C 94 31.47 -14.71 -0.21
C GLN C 94 31.21 -15.61 0.99
N LEU C 95 31.26 -16.94 0.76
CA LEU C 95 31.08 -17.94 1.80
C LEU C 95 32.38 -18.17 2.58
N SER C 96 32.23 -18.46 3.88
CA SER C 96 33.36 -18.75 4.77
C SER C 96 34.24 -19.83 4.15
N GLU C 97 33.63 -20.64 3.29
CA GLU C 97 34.26 -21.83 2.72
C GLU C 97 33.81 -22.02 1.28
N LYS C 98 34.64 -22.71 0.48
CA LYS C 98 34.19 -23.19 -0.83
C LYS C 98 33.05 -24.19 -0.65
N ALA C 99 32.00 -24.05 -1.46
CA ALA C 99 30.84 -24.94 -1.41
C ALA C 99 31.22 -26.39 -1.68
N THR C 100 30.79 -27.31 -0.81
CA THR C 100 30.76 -28.71 -1.19
C THR C 100 29.82 -28.85 -2.39
N LEU C 101 30.39 -29.20 -3.56
CA LEU C 101 29.69 -29.30 -4.84
C LEU C 101 29.17 -30.70 -5.13
N GLY C 102 28.09 -30.78 -5.90
CA GLY C 102 27.53 -32.05 -6.32
C GLY C 102 26.24 -31.85 -7.09
N PRO C 103 25.44 -32.92 -7.35
CA PRO C 103 24.22 -32.77 -8.15
C PRO C 103 23.22 -31.74 -7.58
N ALA C 104 23.20 -31.55 -6.25
CA ALA C 104 22.27 -30.63 -5.61
C ALA C 104 22.86 -29.23 -5.37
N VAL C 105 24.20 -29.08 -5.49
CA VAL C 105 24.89 -27.81 -5.21
C VAL C 105 25.85 -27.49 -6.37
N ARG C 106 25.50 -26.54 -7.26
CA ARG C 106 26.36 -26.25 -8.42
C ARG C 106 26.20 -24.82 -8.89
N PRO C 107 27.31 -24.15 -9.27
CA PRO C 107 27.24 -22.82 -9.87
C PRO C 107 26.46 -22.83 -11.18
N LEU C 108 25.68 -21.76 -11.43
CA LEU C 108 24.94 -21.62 -12.67
C LEU C 108 25.71 -20.69 -13.61
N PRO C 109 26.07 -21.16 -14.83
CA PRO C 109 26.65 -20.29 -15.85
C PRO C 109 25.71 -19.11 -16.05
N TRP C 110 26.27 -17.90 -16.04
CA TRP C 110 25.52 -16.66 -16.15
C TRP C 110 25.92 -15.93 -17.42
N GLN C 111 24.93 -15.32 -18.09
CA GLN C 111 25.11 -14.75 -19.41
C GLN C 111 26.19 -13.69 -19.36
N ARG C 112 27.24 -13.82 -20.18
CA ARG C 112 28.25 -12.78 -20.22
C ARG C 112 28.27 -12.06 -21.57
N VAL C 113 27.25 -12.27 -22.42
CA VAL C 113 27.13 -11.54 -23.68
C VAL C 113 26.01 -10.51 -23.54
N ASP C 114 26.34 -9.24 -23.76
CA ASP C 114 25.39 -8.15 -23.62
C ASP C 114 24.35 -8.26 -24.75
N ARG C 115 23.48 -9.28 -24.65
CA ARG C 115 22.43 -9.55 -25.62
C ARG C 115 21.11 -9.68 -24.88
N ASP C 116 20.06 -9.06 -25.43
CA ASP C 116 18.72 -9.10 -24.86
C ASP C 116 18.10 -10.46 -25.17
N VAL C 117 17.50 -11.07 -24.14
CA VAL C 117 16.54 -12.15 -24.30
C VAL C 117 15.44 -11.70 -25.25
N ALA C 118 15.10 -12.57 -26.22
CA ALA C 118 13.98 -12.35 -27.11
C ALA C 118 12.70 -12.13 -26.30
N PRO C 119 11.90 -11.09 -26.62
CA PRO C 119 10.59 -10.91 -25.96
C PRO C 119 9.60 -12.04 -26.23
N GLY C 120 8.86 -12.45 -25.18
CA GLY C 120 7.89 -13.54 -25.27
C GLY C 120 8.47 -14.87 -24.77
N THR C 121 9.80 -14.92 -24.65
CA THR C 121 10.53 -16.05 -24.11
C THR C 121 10.09 -16.26 -22.67
N LEU C 122 9.64 -17.47 -22.33
CA LEU C 122 9.37 -17.79 -20.94
C LEU C 122 10.70 -18.16 -20.30
N CYS C 123 11.02 -17.45 -19.21
CA CYS C 123 12.15 -17.77 -18.36
C CYS C 123 11.61 -18.15 -16.99
N ASP C 124 12.45 -18.78 -16.18
CA ASP C 124 12.05 -19.47 -14.98
C ASP C 124 12.67 -18.76 -13.78
N VAL C 125 11.82 -18.44 -12.81
CA VAL C 125 12.23 -17.74 -11.61
C VAL C 125 11.77 -18.58 -10.42
N ALA C 126 12.68 -18.75 -9.46
CA ALA C 126 12.41 -19.62 -8.32
C ALA C 126 12.67 -18.82 -7.04
N GLY C 127 12.09 -19.30 -5.94
CA GLY C 127 12.27 -18.65 -4.65
C GLY C 127 11.38 -19.21 -3.55
N TRP C 128 11.76 -18.81 -2.32
CA TRP C 128 11.00 -19.07 -1.12
C TRP C 128 10.21 -17.81 -0.78
N GLY C 129 10.01 -16.95 -1.78
CA GLY C 129 9.21 -15.76 -1.56
C GLY C 129 7.76 -16.11 -1.20
N ILE C 130 7.02 -15.08 -0.74
CA ILE C 130 5.63 -15.23 -0.40
C ILE C 130 4.84 -15.77 -1.60
N VAL C 131 3.72 -16.44 -1.30
CA VAL C 131 2.98 -17.21 -2.28
C VAL C 131 1.54 -16.71 -2.39
N ASN C 132 1.18 -15.75 -1.56
CA ASN C 132 -0.09 -15.07 -1.70
C ASN C 132 0.10 -13.69 -1.07
N HIS C 133 -0.91 -12.84 -1.27
CA HIS C 133 -0.95 -11.49 -0.74
C HIS C 133 -1.08 -11.49 0.78
N ALA C 134 -1.60 -12.60 1.35
CA ALA C 134 -1.63 -12.75 2.79
C ALA C 134 -0.20 -12.75 3.37
N GLY C 135 0.78 -13.18 2.57
CA GLY C 135 2.19 -13.21 2.98
C GLY C 135 2.68 -14.60 3.41
N ARG C 136 1.95 -15.67 3.05
CA ARG C 136 2.36 -17.03 3.41
C ARG C 136 3.79 -17.27 2.89
N ARG C 137 4.67 -17.69 3.81
CA ARG C 137 6.04 -18.06 3.49
C ARG C 137 6.13 -19.56 3.27
N PRO C 138 6.48 -20.05 2.05
CA PRO C 138 6.53 -21.48 1.78
C PRO C 138 7.80 -22.01 2.42
N ASP C 139 7.69 -23.23 2.94
CA ASP C 139 8.81 -23.99 3.46
C ASP C 139 9.64 -24.55 2.32
N SER C 140 8.99 -24.92 1.19
CA SER C 140 9.70 -25.55 0.10
C SER C 140 9.80 -24.62 -1.13
N LEU C 141 10.93 -24.70 -1.84
CA LEU C 141 11.21 -23.93 -3.04
C LEU C 141 10.08 -24.05 -4.05
N GLN C 142 9.79 -22.91 -4.69
CA GLN C 142 8.74 -22.70 -5.66
C GLN C 142 9.34 -22.05 -6.93
N HIS C 143 8.62 -22.15 -8.04
CA HIS C 143 9.06 -21.52 -9.26
C HIS C 143 7.84 -21.17 -10.10
N VAL C 144 8.07 -20.32 -11.13
CA VAL C 144 7.09 -20.02 -12.16
C VAL C 144 7.80 -19.59 -13.46
N LEU C 145 7.24 -20.03 -14.61
CA LEU C 145 7.68 -19.57 -15.91
C LEU C 145 6.99 -18.24 -16.26
N LEU C 146 7.80 -17.24 -16.64
CA LEU C 146 7.26 -15.93 -16.94
C LEU C 146 7.76 -15.43 -18.28
N PRO C 147 6.90 -14.84 -19.13
CA PRO C 147 7.35 -14.31 -20.42
C PRO C 147 8.06 -12.97 -20.23
N VAL C 148 9.21 -12.80 -20.90
CA VAL C 148 10.00 -11.58 -20.90
C VAL C 148 9.35 -10.49 -21.76
N LEU C 149 9.17 -9.28 -21.21
CA LEU C 149 8.60 -8.15 -21.93
C LEU C 149 9.67 -7.38 -22.69
N ASP C 150 9.27 -6.76 -23.82
CA ASP C 150 10.15 -5.89 -24.58
C ASP C 150 10.49 -4.62 -23.78
N ARG C 151 11.70 -4.09 -24.04
CA ARG C 151 12.22 -2.89 -23.41
C ARG C 151 11.18 -1.77 -23.32
N ALA C 152 10.61 -1.34 -24.46
CA ALA C 152 9.70 -0.20 -24.49
C ALA C 152 8.55 -0.37 -23.49
N THR C 153 7.91 -1.56 -23.53
CA THR C 153 6.85 -1.92 -22.59
C THR C 153 7.33 -1.86 -21.14
N CYS C 154 8.55 -2.34 -20.90
CA CYS C 154 9.22 -2.17 -19.60
C CYS C 154 9.02 -0.76 -19.05
N ASN C 155 9.63 0.19 -19.78
CA ASN C 155 9.78 1.57 -19.36
C ASN C 155 8.40 2.25 -19.39
N THR C 165 16.32 1.55 -18.37
CA THR C 165 17.72 1.45 -18.85
C THR C 165 17.98 0.05 -19.37
N GLU C 166 19.06 -0.04 -20.14
CA GLU C 166 19.45 -1.27 -20.81
C GLU C 166 19.92 -2.32 -19.80
N ARG C 167 19.96 -1.98 -18.50
CA ARG C 167 20.56 -2.84 -17.49
C ARG C 167 19.49 -3.65 -16.76
N LEU C 168 18.20 -3.44 -17.11
CA LEU C 168 17.08 -4.13 -16.47
C LEU C 168 16.36 -4.98 -17.53
N MET C 169 15.63 -6.01 -17.08
CA MET C 169 14.63 -6.67 -17.92
C MET C 169 13.35 -6.84 -17.11
N CYS C 170 12.20 -6.77 -17.80
CA CYS C 170 10.93 -6.92 -17.11
C CYS C 170 10.29 -8.22 -17.61
N ALA C 171 9.48 -8.84 -16.76
CA ALA C 171 8.66 -9.97 -17.15
C ALA C 171 7.21 -9.68 -16.78
N GLU C 172 6.28 -10.38 -17.45
CA GLU C 172 4.87 -10.24 -17.13
C GLU C 172 4.67 -10.56 -15.66
N SER C 173 3.70 -9.83 -15.12
CA SER C 173 3.35 -9.80 -13.72
C SER C 173 1.88 -10.17 -13.57
N ASN C 174 1.30 -10.81 -14.61
CA ASN C 174 -0.14 -11.06 -14.68
C ASN C 174 -0.52 -12.31 -13.87
N ARG C 175 -0.80 -12.08 -12.57
CA ARG C 175 -1.10 -13.13 -11.60
C ARG C 175 0.19 -13.82 -11.18
N ARG C 176 0.77 -14.57 -12.12
CA ARG C 176 2.08 -15.17 -11.95
C ARG C 176 3.10 -14.03 -11.85
N ASP C 177 3.97 -14.12 -10.85
CA ASP C 177 4.92 -13.07 -10.57
C ASP C 177 5.89 -13.49 -9.46
N SER C 178 7.07 -12.87 -9.47
CA SER C 178 7.94 -12.85 -8.31
C SER C 178 7.37 -11.88 -7.27
N CYS C 179 7.80 -12.04 -6.02
CA CYS C 179 7.29 -11.20 -4.95
C CYS C 179 8.28 -11.11 -3.78
N LYS C 180 7.77 -10.69 -2.62
CA LYS C 180 8.63 -10.44 -1.47
C LYS C 180 9.34 -11.72 -1.03
N GLY C 181 10.67 -11.63 -0.94
CA GLY C 181 11.52 -12.75 -0.55
C GLY C 181 12.08 -13.48 -1.75
N ASP C 182 11.62 -13.12 -2.97
CA ASP C 182 12.20 -13.71 -4.18
C ASP C 182 13.38 -12.84 -4.64
N SER C 183 13.42 -11.59 -4.17
CA SER C 183 14.57 -10.71 -4.36
C SER C 183 15.88 -11.50 -4.32
N GLY C 184 16.77 -11.26 -5.27
CA GLY C 184 18.10 -11.84 -5.25
C GLY C 184 18.19 -13.21 -5.92
N GLY C 185 17.02 -13.80 -6.23
CA GLY C 185 16.95 -15.12 -6.85
C GLY C 185 17.08 -15.04 -8.37
N PRO C 186 17.10 -16.21 -9.05
CA PRO C 186 17.42 -16.26 -10.48
C PRO C 186 16.26 -16.14 -11.46
N LEU C 187 16.58 -15.52 -12.61
CA LEU C 187 15.79 -15.62 -13.83
C LEU C 187 16.67 -16.34 -14.86
N VAL C 188 16.25 -17.56 -15.21
CA VAL C 188 17.00 -18.48 -16.03
C VAL C 188 16.21 -18.70 -17.33
N CYS C 189 16.90 -18.45 -18.44
CA CYS C 189 16.40 -18.64 -19.78
C CYS C 189 17.32 -19.63 -20.47
N GLY C 190 16.78 -20.80 -20.79
CA GLY C 190 17.51 -21.78 -21.60
C GLY C 190 18.76 -22.29 -20.89
N GLY C 191 18.67 -22.45 -19.56
CA GLY C 191 19.72 -23.05 -18.75
C GLY C 191 20.77 -22.07 -18.22
N VAL C 192 20.64 -20.77 -18.58
CA VAL C 192 21.69 -19.77 -18.40
C VAL C 192 21.10 -18.59 -17.62
N LEU C 193 21.84 -18.09 -16.62
CA LEU C 193 21.38 -16.97 -15.80
C LEU C 193 21.42 -15.67 -16.61
N GLU C 194 20.27 -14.98 -16.63
CA GLU C 194 20.08 -13.78 -17.41
C GLU C 194 19.65 -12.64 -16.49
N GLY C 195 18.79 -12.96 -15.51
CA GLY C 195 18.25 -11.99 -14.57
C GLY C 195 18.48 -12.34 -13.11
N VAL C 196 18.65 -11.32 -12.27
CA VAL C 196 18.55 -11.45 -10.80
C VAL C 196 17.34 -10.62 -10.34
N VAL C 197 16.41 -11.24 -9.59
CA VAL C 197 15.24 -10.52 -9.11
C VAL C 197 15.68 -9.29 -8.30
N THR C 198 15.04 -8.14 -8.59
CA THR C 198 15.29 -6.89 -7.87
C THR C 198 14.70 -6.94 -6.46
N SER C 199 15.19 -6.03 -5.61
CA SER C 199 15.00 -6.10 -4.17
C SER C 199 14.31 -4.85 -3.63
N GLY C 200 13.85 -3.97 -4.54
CA GLY C 200 13.07 -2.84 -4.12
C GLY C 200 11.63 -3.28 -3.90
N SER C 201 10.99 -2.74 -2.87
CA SER C 201 9.58 -2.99 -2.64
C SER C 201 8.74 -2.65 -3.87
N ARG C 202 7.72 -3.49 -4.13
CA ARG C 202 6.79 -3.30 -5.24
C ARG C 202 5.49 -4.04 -4.94
N VAL C 203 4.49 -3.79 -5.79
CA VAL C 203 3.25 -4.57 -5.85
C VAL C 203 3.45 -5.79 -6.74
N CYS C 204 2.88 -6.94 -6.32
CA CYS C 204 3.02 -8.19 -7.03
C CYS C 204 1.68 -8.68 -7.59
N GLY C 205 1.75 -9.40 -8.70
CA GLY C 205 0.55 -9.98 -9.31
C GLY C 205 -0.24 -9.01 -10.18
N ASN C 206 0.20 -7.74 -10.26
CA ASN C 206 -0.51 -6.73 -11.04
C ASN C 206 0.18 -6.56 -12.40
N ARG C 207 -0.56 -6.83 -13.48
CA ARG C 207 0.00 -6.88 -14.83
C ARG C 207 0.59 -5.52 -15.23
N LYS C 208 0.06 -4.45 -14.64
CA LYS C 208 0.47 -3.08 -14.97
C LYS C 208 1.89 -2.77 -14.48
N LYS C 209 2.34 -3.41 -13.39
CA LYS C 209 3.69 -3.18 -12.86
C LYS C 209 4.50 -4.46 -12.97
N PRO C 210 5.09 -4.72 -14.16
CA PRO C 210 5.94 -5.89 -14.37
C PRO C 210 7.01 -6.14 -13.31
N GLY C 211 7.36 -7.41 -13.09
CA GLY C 211 8.49 -7.79 -12.27
C GLY C 211 9.79 -7.30 -12.91
N ILE C 212 10.73 -6.87 -12.07
CA ILE C 212 12.00 -6.33 -12.56
C ILE C 212 13.13 -7.25 -12.12
N TYR C 213 14.09 -7.45 -13.04
CA TYR C 213 15.21 -8.35 -12.87
C TYR C 213 16.43 -7.69 -13.48
N THR C 214 17.52 -7.67 -12.71
CA THR C 214 18.78 -7.09 -13.15
C THR C 214 19.43 -8.00 -14.20
N ARG C 215 19.79 -7.42 -15.37
CA ARG C 215 20.44 -8.16 -16.45
C ARG C 215 21.89 -8.42 -16.07
N VAL C 216 22.23 -9.69 -15.82
CA VAL C 216 23.55 -10.01 -15.34
C VAL C 216 24.61 -9.70 -16.41
N ALA C 217 24.27 -9.80 -17.71
CA ALA C 217 25.23 -9.55 -18.79
C ALA C 217 25.77 -8.11 -18.73
N SER C 218 24.92 -7.18 -18.28
CA SER C 218 25.31 -5.77 -18.17
C SER C 218 26.43 -5.58 -17.15
N TYR C 219 26.64 -6.58 -16.26
CA TYR C 219 27.51 -6.44 -15.09
C TYR C 219 28.62 -7.50 -15.10
N ALA C 220 28.93 -8.06 -16.27
CA ALA C 220 29.98 -9.07 -16.42
C ALA C 220 31.30 -8.59 -15.79
N ALA C 221 31.79 -7.42 -16.23
CA ALA C 221 33.05 -6.88 -15.77
C ALA C 221 33.14 -6.86 -14.23
N TRP C 222 32.05 -6.46 -13.56
CA TRP C 222 32.02 -6.21 -12.13
C TRP C 222 32.11 -7.52 -11.34
N ILE C 223 31.30 -8.51 -11.74
CA ILE C 223 31.28 -9.86 -11.19
C ILE C 223 32.67 -10.48 -11.34
N ASP C 224 33.22 -10.55 -12.56
CA ASP C 224 34.56 -11.10 -12.79
C ASP C 224 35.59 -10.45 -11.85
N SER C 225 35.46 -9.13 -11.65
CA SER C 225 36.37 -8.34 -10.82
C SER C 225 36.34 -8.79 -9.36
N VAL C 226 35.14 -9.11 -8.87
CA VAL C 226 34.94 -9.38 -7.45
C VAL C 226 35.32 -10.83 -7.15
N LEU C 227 35.03 -11.75 -8.08
CA LEU C 227 35.35 -13.16 -7.94
C LEU C 227 36.79 -13.47 -8.39
N ALA C 228 37.69 -12.48 -8.36
CA ALA C 228 38.92 -12.48 -9.15
C ALA C 228 39.92 -13.52 -8.62
N SER C 229 40.20 -13.48 -7.31
CA SER C 229 41.10 -14.46 -6.67
C SER C 229 40.36 -15.75 -6.30
N ALA C 230 39.54 -15.70 -5.22
CA ALA C 230 38.87 -16.87 -4.65
C ALA C 230 37.86 -17.46 -5.64
N ILE D 1 -21.03 -24.98 -18.43
CA ILE D 1 -21.43 -26.01 -17.43
C ILE D 1 -21.00 -27.38 -17.92
N LEU D 2 -20.07 -28.03 -17.19
CA LEU D 2 -19.71 -29.42 -17.42
C LEU D 2 -20.60 -30.34 -16.57
N GLY D 3 -20.91 -31.51 -17.13
CA GLY D 3 -21.62 -32.56 -16.43
C GLY D 3 -23.02 -32.13 -16.04
N GLY D 4 -23.59 -31.20 -16.81
CA GLY D 4 -24.90 -30.67 -16.53
C GLY D 4 -25.91 -31.20 -17.51
N ARG D 5 -27.09 -30.55 -17.50
CA ARG D 5 -28.24 -30.84 -18.33
C ARG D 5 -28.67 -29.53 -18.99
N GLU D 6 -29.54 -29.65 -20.00
CA GLU D 6 -30.22 -28.51 -20.61
C GLU D 6 -31.25 -27.96 -19.64
N ALA D 7 -31.22 -26.63 -19.47
CA ALA D 7 -32.17 -26.00 -18.56
C ALA D 7 -33.55 -26.09 -19.21
N GLU D 8 -34.61 -25.95 -18.40
CA GLU D 8 -35.94 -25.87 -18.97
C GLU D 8 -36.18 -24.44 -19.44
N ALA D 9 -36.64 -24.30 -20.69
CA ALA D 9 -36.70 -23.02 -21.35
C ALA D 9 -37.50 -22.01 -20.51
N HIS D 10 -36.76 -20.98 -20.09
CA HIS D 10 -37.22 -19.78 -19.41
C HIS D 10 -37.60 -20.08 -17.97
N ALA D 11 -37.21 -21.26 -17.46
CA ALA D 11 -37.54 -21.63 -16.09
C ALA D 11 -36.73 -20.81 -15.08
N ARG D 12 -35.58 -20.27 -15.54
CA ARG D 12 -34.77 -19.35 -14.75
C ARG D 12 -34.90 -17.94 -15.32
N PRO D 13 -35.99 -17.20 -14.99
CA PRO D 13 -36.30 -15.91 -15.63
C PRO D 13 -35.34 -14.78 -15.31
N TYR D 14 -34.40 -15.01 -14.37
CA TYR D 14 -33.39 -14.04 -13.95
C TYR D 14 -32.06 -14.18 -14.71
N MET D 15 -31.95 -15.10 -15.68
CA MET D 15 -30.69 -15.48 -16.31
C MET D 15 -30.37 -14.52 -17.46
N ALA D 16 -29.15 -13.92 -17.45
CA ALA D 16 -28.69 -13.00 -18.47
C ALA D 16 -27.47 -13.59 -19.18
N SER D 17 -27.35 -13.34 -20.48
CA SER D 17 -26.11 -13.51 -21.21
C SER D 17 -25.40 -12.16 -21.34
N VAL D 18 -24.17 -12.03 -20.81
CA VAL D 18 -23.35 -10.83 -21.04
C VAL D 18 -22.49 -11.03 -22.28
N GLN D 19 -22.62 -10.12 -23.23
CA GLN D 19 -22.19 -10.34 -24.59
C GLN D 19 -21.21 -9.26 -25.02
N LEU D 20 -20.06 -9.68 -25.58
CA LEU D 20 -19.14 -8.80 -26.25
C LEU D 20 -19.22 -9.09 -27.76
N ASN D 21 -19.35 -7.99 -28.53
CA ASN D 21 -19.94 -8.02 -29.86
C ASN D 21 -21.38 -8.53 -29.69
N GLY D 22 -21.71 -9.58 -30.46
CA GLY D 22 -22.86 -10.45 -30.19
C GLY D 22 -22.40 -11.85 -29.79
N ALA D 23 -21.28 -11.93 -29.06
CA ALA D 23 -20.75 -13.19 -28.58
C ALA D 23 -20.95 -13.31 -27.07
N HIS D 24 -21.59 -14.39 -26.62
CA HIS D 24 -21.75 -14.63 -25.20
C HIS D 24 -20.36 -14.83 -24.58
N LEU D 25 -20.16 -14.11 -23.46
CA LEU D 25 -18.88 -13.96 -22.78
C LEU D 25 -18.98 -14.48 -21.34
N CYS D 26 -20.11 -14.16 -20.67
CA CYS D 26 -20.28 -14.41 -19.25
C CYS D 26 -21.77 -14.54 -18.93
N GLY D 27 -22.09 -15.23 -17.84
CA GLY D 27 -23.45 -15.19 -17.32
C GLY D 27 -23.70 -13.86 -16.61
N GLY D 28 -24.94 -13.69 -16.15
CA GLY D 28 -25.41 -12.53 -15.41
C GLY D 28 -26.77 -12.81 -14.76
N VAL D 29 -27.10 -12.02 -13.74
CA VAL D 29 -28.29 -12.22 -12.93
C VAL D 29 -29.11 -10.92 -12.86
N LEU D 30 -30.40 -11.01 -13.23
CA LEU D 30 -31.26 -9.85 -13.14
C LEU D 30 -31.65 -9.66 -11.67
N VAL D 31 -31.22 -8.53 -11.08
CA VAL D 31 -31.40 -8.29 -9.65
C VAL D 31 -32.36 -7.12 -9.44
N ALA D 32 -32.61 -6.36 -10.51
CA ALA D 32 -33.68 -5.38 -10.54
C ALA D 32 -34.00 -5.05 -12.01
N GLU D 33 -35.00 -4.18 -12.17
CA GLU D 33 -35.63 -3.83 -13.43
C GLU D 33 -34.58 -3.39 -14.45
N GLN D 34 -33.59 -2.61 -14.00
CA GLN D 34 -32.61 -1.99 -14.87
C GLN D 34 -31.20 -2.47 -14.57
N TRP D 35 -31.06 -3.51 -13.72
CA TRP D 35 -29.78 -3.86 -13.14
C TRP D 35 -29.49 -5.34 -13.23
N VAL D 36 -28.42 -5.69 -13.96
CA VAL D 36 -27.93 -7.06 -14.04
C VAL D 36 -26.61 -7.15 -13.25
N LEU D 37 -26.50 -8.14 -12.35
CA LEU D 37 -25.30 -8.34 -11.56
C LEU D 37 -24.47 -9.44 -12.22
N SER D 38 -23.18 -9.15 -12.44
CA SER D 38 -22.26 -10.09 -13.08
C SER D 38 -20.91 -10.07 -12.35
N ALA D 39 -19.83 -10.48 -13.05
CA ALA D 39 -18.51 -10.67 -12.46
C ALA D 39 -17.51 -9.70 -13.10
N ALA D 40 -16.56 -9.21 -12.30
CA ALA D 40 -15.87 -7.98 -12.61
C ALA D 40 -14.90 -8.16 -13.77
N HIS D 41 -14.30 -9.34 -13.92
CA HIS D 41 -13.33 -9.54 -15.00
C HIS D 41 -14.01 -9.86 -16.33
N CYS D 42 -15.36 -9.79 -16.38
CA CYS D 42 -16.11 -9.91 -17.63
C CYS D 42 -16.05 -8.58 -18.40
N LEU D 43 -14.82 -8.08 -18.65
CA LEU D 43 -14.59 -6.79 -19.31
C LEU D 43 -13.27 -6.76 -20.12
N GLU D 44 -12.32 -7.65 -19.81
CA GLU D 44 -10.96 -7.56 -20.34
C GLU D 44 -10.86 -8.36 -21.66
N GLY D 49 -14.91 -2.96 -27.86
CA GLY D 49 -15.81 -3.88 -27.15
C GLY D 49 -17.22 -3.31 -26.96
N LYS D 50 -18.20 -3.89 -27.67
CA LYS D 50 -19.61 -3.55 -27.54
C LYS D 50 -20.29 -4.48 -26.52
N VAL D 51 -20.81 -3.92 -25.40
CA VAL D 51 -21.26 -4.72 -24.26
C VAL D 51 -22.77 -4.60 -24.09
N GLN D 52 -23.48 -5.73 -24.28
CA GLN D 52 -24.94 -5.78 -24.25
C GLN D 52 -25.40 -6.97 -23.41
N VAL D 53 -26.67 -6.87 -22.93
CA VAL D 53 -27.29 -7.91 -22.12
C VAL D 53 -28.47 -8.52 -22.88
N LEU D 54 -28.49 -9.86 -22.99
CA LEU D 54 -29.65 -10.57 -23.50
C LEU D 54 -30.43 -11.18 -22.34
N LEU D 55 -31.70 -10.78 -22.20
CA LEU D 55 -32.61 -11.30 -21.19
C LEU D 55 -33.65 -12.17 -21.88
N GLY D 56 -34.32 -13.01 -21.10
CA GLY D 56 -35.47 -13.76 -21.55
C GLY D 56 -35.15 -14.85 -22.56
N ALA D 57 -33.91 -15.37 -22.47
CA ALA D 57 -33.36 -16.24 -23.49
C ALA D 57 -33.23 -17.65 -22.94
N HIS D 58 -33.49 -18.59 -23.85
CA HIS D 58 -33.02 -19.94 -23.65
C HIS D 58 -31.91 -20.25 -24.66
N SER D 59 -32.24 -20.08 -25.94
CA SER D 59 -31.30 -20.21 -27.04
C SER D 59 -30.64 -18.87 -27.34
N LEU D 60 -29.34 -18.90 -27.64
CA LEU D 60 -28.56 -17.73 -28.04
C LEU D 60 -28.80 -17.32 -29.52
N SER D 61 -29.36 -18.21 -30.35
CA SER D 61 -29.52 -17.96 -31.78
C SER D 61 -30.99 -17.95 -32.23
N GLN D 62 -31.80 -18.93 -31.80
CA GLN D 62 -33.14 -19.13 -32.36
C GLN D 62 -34.14 -18.12 -31.78
N PRO D 63 -35.15 -17.67 -32.57
CA PRO D 63 -36.10 -16.64 -32.11
C PRO D 63 -37.13 -17.08 -31.07
N GLU D 64 -37.25 -16.30 -29.99
CA GLU D 64 -38.11 -16.62 -28.86
C GLU D 64 -38.82 -15.35 -28.41
N PRO D 65 -40.12 -15.43 -28.02
CA PRO D 65 -40.93 -14.22 -27.84
C PRO D 65 -40.51 -13.33 -26.67
N SER D 66 -39.82 -13.89 -25.67
CA SER D 66 -39.35 -13.19 -24.48
C SER D 66 -37.95 -12.58 -24.65
N LYS D 67 -37.26 -12.96 -25.73
CA LYS D 67 -35.89 -12.51 -25.96
C LYS D 67 -35.87 -11.04 -26.29
N ARG D 68 -35.14 -10.27 -25.48
CA ARG D 68 -34.85 -8.87 -25.76
C ARG D 68 -33.39 -8.61 -25.43
N LEU D 69 -32.67 -8.07 -26.42
CA LEU D 69 -31.30 -7.60 -26.26
C LEU D 69 -31.30 -6.16 -25.73
N TYR D 70 -30.37 -5.85 -24.81
CA TYR D 70 -30.29 -4.57 -24.14
C TYR D 70 -28.87 -3.99 -24.22
N ASP D 71 -28.77 -2.71 -24.64
CA ASP D 71 -27.52 -1.95 -24.56
C ASP D 71 -27.28 -1.51 -23.11
N VAL D 72 -26.00 -1.25 -22.79
CA VAL D 72 -25.59 -1.00 -21.42
C VAL D 72 -25.17 0.47 -21.27
N LEU D 73 -25.77 1.10 -20.24
CA LEU D 73 -25.38 2.41 -19.75
C LEU D 73 -24.15 2.26 -18.85
N ARG D 74 -24.34 2.23 -17.52
CA ARG D 74 -23.21 2.23 -16.60
C ARG D 74 -22.83 0.79 -16.26
N ALA D 75 -21.55 0.46 -16.49
CA ALA D 75 -20.90 -0.69 -15.91
C ALA D 75 -20.18 -0.27 -14.63
N VAL D 76 -20.45 -0.94 -13.49
CA VAL D 76 -19.95 -0.50 -12.21
C VAL D 76 -19.20 -1.65 -11.52
N PRO D 77 -17.87 -1.74 -11.66
CA PRO D 77 -17.10 -2.79 -11.02
C PRO D 77 -17.03 -2.48 -9.53
N HIS D 78 -17.08 -3.52 -8.68
CA HIS D 78 -16.81 -3.29 -7.28
C HIS D 78 -15.49 -2.52 -7.23
N PRO D 79 -15.37 -1.45 -6.40
CA PRO D 79 -14.17 -0.63 -6.43
C PRO D 79 -12.87 -1.42 -6.23
N ASP D 80 -12.91 -2.48 -5.41
CA ASP D 80 -11.71 -3.17 -4.98
C ASP D 80 -11.38 -4.41 -5.83
N SER D 81 -12.03 -4.62 -6.98
CA SER D 81 -11.57 -5.68 -7.89
C SER D 81 -10.21 -5.32 -8.48
N GLN D 82 -9.30 -6.30 -8.47
CA GLN D 82 -7.98 -6.18 -9.09
C GLN D 82 -7.84 -7.29 -10.12
N PRO D 83 -6.83 -7.25 -11.03
CA PRO D 83 -6.80 -8.13 -12.19
C PRO D 83 -6.23 -9.54 -11.96
N ASP D 84 -5.76 -9.83 -10.74
CA ASP D 84 -5.10 -11.09 -10.41
C ASP D 84 -5.73 -11.78 -9.21
N THR D 85 -6.89 -11.28 -8.76
CA THR D 85 -7.54 -11.74 -7.56
C THR D 85 -8.94 -12.21 -7.95
N ILE D 86 -9.55 -13.04 -7.09
CA ILE D 86 -10.93 -13.48 -7.23
C ILE D 86 -11.80 -12.79 -6.19
N ASP D 87 -11.23 -11.78 -5.52
CA ASP D 87 -11.91 -11.09 -4.45
C ASP D 87 -12.68 -9.92 -5.08
N HIS D 88 -13.75 -9.52 -4.38
CA HIS D 88 -14.60 -8.41 -4.78
C HIS D 88 -14.94 -8.51 -6.26
N ASP D 89 -15.31 -9.71 -6.69
CA ASP D 89 -15.38 -10.07 -8.10
C ASP D 89 -16.80 -9.88 -8.64
N LEU D 90 -17.26 -8.62 -8.67
CA LEU D 90 -18.62 -8.27 -9.07
C LEU D 90 -18.63 -7.02 -9.97
N LEU D 91 -19.68 -6.97 -10.78
CA LEU D 91 -19.91 -5.96 -11.79
C LEU D 91 -21.42 -5.76 -11.87
N LEU D 92 -21.85 -4.51 -11.77
CA LEU D 92 -23.26 -4.16 -11.89
C LEU D 92 -23.47 -3.38 -13.19
N LEU D 93 -24.26 -3.97 -14.09
CA LEU D 93 -24.51 -3.39 -15.38
C LEU D 93 -25.92 -2.83 -15.38
N GLN D 94 -26.05 -1.50 -15.40
CA GLN D 94 -27.31 -0.81 -15.68
C GLN D 94 -27.65 -0.90 -17.16
N LEU D 95 -28.85 -1.38 -17.46
CA LEU D 95 -29.40 -1.53 -18.80
C LEU D 95 -29.80 -0.18 -19.40
N SER D 96 -29.79 -0.09 -20.74
CA SER D 96 -30.29 1.08 -21.50
C SER D 96 -31.65 1.57 -21.00
N GLU D 97 -32.56 0.64 -20.68
CA GLU D 97 -33.87 0.98 -20.18
C GLU D 97 -34.34 -0.12 -19.24
N LYS D 98 -35.32 0.20 -18.38
CA LYS D 98 -35.91 -0.74 -17.43
C LYS D 98 -36.61 -1.89 -18.16
N ALA D 99 -36.13 -3.13 -17.92
CA ALA D 99 -36.46 -4.34 -18.66
C ALA D 99 -37.95 -4.64 -18.61
N THR D 100 -38.44 -5.22 -19.70
CA THR D 100 -39.83 -5.62 -19.83
C THR D 100 -39.98 -6.84 -18.94
N LEU D 101 -40.86 -6.75 -17.93
CA LEU D 101 -41.03 -7.83 -16.97
C LEU D 101 -42.10 -8.81 -17.44
N GLY D 102 -41.95 -10.06 -16.98
CA GLY D 102 -42.75 -11.17 -17.47
C GLY D 102 -42.28 -12.50 -16.90
N PRO D 103 -43.04 -13.59 -17.17
CA PRO D 103 -42.74 -14.90 -16.61
C PRO D 103 -41.32 -15.40 -16.89
N ALA D 104 -40.78 -14.97 -18.05
CA ALA D 104 -39.46 -15.32 -18.58
C ALA D 104 -38.38 -14.29 -18.30
N VAL D 105 -38.72 -13.12 -17.71
CA VAL D 105 -37.73 -12.09 -17.34
C VAL D 105 -38.12 -11.53 -15.97
N ARG D 106 -37.45 -11.98 -14.91
CA ARG D 106 -37.80 -11.57 -13.56
C ARG D 106 -36.53 -11.47 -12.73
N PRO D 107 -36.37 -10.40 -11.90
CA PRO D 107 -35.29 -10.33 -10.91
C PRO D 107 -35.36 -11.50 -9.91
N LEU D 108 -34.18 -12.06 -9.60
CA LEU D 108 -34.05 -13.07 -8.56
C LEU D 108 -33.75 -12.40 -7.21
N PRO D 109 -34.62 -12.58 -6.19
CA PRO D 109 -34.31 -12.12 -4.83
C PRO D 109 -32.96 -12.67 -4.39
N TRP D 110 -32.06 -11.76 -3.96
CA TRP D 110 -30.71 -12.11 -3.56
C TRP D 110 -30.56 -12.06 -2.04
N GLN D 111 -29.58 -12.82 -1.54
CA GLN D 111 -29.42 -13.08 -0.11
C GLN D 111 -28.76 -11.87 0.57
N ARG D 112 -29.48 -11.34 1.56
CA ARG D 112 -29.17 -10.09 2.23
C ARG D 112 -28.68 -10.36 3.67
N VAL D 113 -29.21 -11.45 4.26
CA VAL D 113 -28.77 -12.00 5.55
C VAL D 113 -27.48 -12.81 5.32
N ASP D 114 -26.40 -12.37 5.95
CA ASP D 114 -25.08 -12.97 5.79
C ASP D 114 -24.97 -14.19 6.72
N ARG D 115 -25.62 -15.30 6.35
CA ARG D 115 -25.26 -16.64 6.83
C ARG D 115 -24.66 -17.42 5.68
N ASP D 116 -23.59 -18.19 5.93
CA ASP D 116 -23.14 -19.22 5.01
C ASP D 116 -24.29 -20.18 4.72
N VAL D 117 -24.32 -20.68 3.48
CA VAL D 117 -25.15 -21.83 3.13
C VAL D 117 -24.50 -23.05 3.76
N ALA D 118 -25.34 -23.86 4.43
CA ALA D 118 -24.99 -25.16 4.98
C ALA D 118 -24.20 -25.97 3.95
N PRO D 119 -22.97 -26.40 4.28
CA PRO D 119 -22.21 -27.35 3.46
C PRO D 119 -23.03 -28.60 3.21
N GLY D 120 -22.99 -29.11 1.97
CA GLY D 120 -23.78 -30.27 1.62
C GLY D 120 -25.01 -29.90 0.78
N THR D 121 -25.54 -28.69 1.00
CA THR D 121 -26.63 -28.13 0.21
C THR D 121 -26.27 -28.17 -1.28
N LEU D 122 -27.20 -28.67 -2.08
CA LEU D 122 -27.10 -28.62 -3.53
C LEU D 122 -27.75 -27.32 -3.99
N CYS D 123 -26.95 -26.52 -4.68
CA CYS D 123 -27.40 -25.25 -5.23
C CYS D 123 -27.32 -25.35 -6.74
N ASP D 124 -28.06 -24.46 -7.41
CA ASP D 124 -28.21 -24.54 -8.86
C ASP D 124 -27.37 -23.45 -9.52
N VAL D 125 -26.38 -23.85 -10.32
CA VAL D 125 -25.65 -22.91 -11.16
C VAL D 125 -26.08 -23.13 -12.62
N ALA D 126 -26.29 -22.03 -13.34
CA ALA D 126 -26.69 -22.11 -14.75
C ALA D 126 -25.83 -21.16 -15.59
N GLY D 127 -25.68 -21.50 -16.87
CA GLY D 127 -25.09 -20.57 -17.83
C GLY D 127 -24.83 -21.20 -19.19
N TRP D 128 -24.17 -20.39 -20.04
CA TRP D 128 -23.98 -20.71 -21.44
C TRP D 128 -22.52 -21.06 -21.67
N GLY D 129 -21.78 -21.33 -20.59
CA GLY D 129 -20.37 -21.63 -20.72
C GLY D 129 -20.13 -22.98 -21.38
N ILE D 130 -18.84 -23.23 -21.64
CA ILE D 130 -18.28 -24.44 -22.20
C ILE D 130 -18.91 -25.64 -21.50
N VAL D 131 -19.20 -26.71 -22.26
CA VAL D 131 -19.89 -27.89 -21.76
C VAL D 131 -19.10 -29.16 -22.01
N ASN D 132 -17.93 -29.06 -22.67
CA ASN D 132 -16.96 -30.15 -22.60
C ASN D 132 -15.56 -29.53 -22.66
N HIS D 133 -14.54 -30.38 -22.51
CA HIS D 133 -13.16 -29.91 -22.57
C HIS D 133 -12.70 -29.75 -24.03
N ALA D 134 -13.56 -30.16 -24.98
CA ALA D 134 -13.33 -29.86 -26.39
C ALA D 134 -13.61 -28.39 -26.65
N GLY D 135 -14.46 -27.78 -25.81
CA GLY D 135 -14.67 -26.35 -25.82
C GLY D 135 -15.98 -25.96 -26.52
N ARG D 136 -16.87 -26.95 -26.70
CA ARG D 136 -18.23 -26.75 -27.17
C ARG D 136 -18.88 -25.62 -26.35
N ARG D 137 -19.33 -24.59 -27.06
CA ARG D 137 -20.12 -23.49 -26.49
C ARG D 137 -21.59 -23.76 -26.77
N PRO D 138 -22.44 -24.02 -25.74
CA PRO D 138 -23.84 -24.38 -25.99
C PRO D 138 -24.71 -23.22 -26.48
N ASP D 139 -25.60 -23.52 -27.45
CA ASP D 139 -26.63 -22.61 -27.93
C ASP D 139 -27.69 -22.40 -26.87
N SER D 140 -28.06 -23.48 -26.14
CA SER D 140 -29.15 -23.42 -25.19
C SER D 140 -28.62 -23.42 -23.75
N LEU D 141 -29.36 -22.76 -22.86
CA LEU D 141 -28.98 -22.62 -21.45
C LEU D 141 -28.84 -23.99 -20.81
N GLN D 142 -27.75 -24.18 -20.05
CA GLN D 142 -27.51 -25.38 -19.25
C GLN D 142 -27.47 -25.01 -17.76
N HIS D 143 -27.70 -26.01 -16.91
CA HIS D 143 -27.50 -25.91 -15.46
C HIS D 143 -26.93 -27.21 -14.91
N VAL D 144 -26.49 -27.16 -13.64
CA VAL D 144 -26.07 -28.34 -12.89
C VAL D 144 -26.31 -28.10 -11.40
N LEU D 145 -26.58 -29.18 -10.66
CA LEU D 145 -26.73 -29.08 -9.21
C LEU D 145 -25.42 -29.49 -8.56
N LEU D 146 -24.89 -28.59 -7.73
CA LEU D 146 -23.58 -28.74 -7.12
C LEU D 146 -23.71 -28.73 -5.61
N PRO D 147 -22.98 -29.62 -4.90
CA PRO D 147 -22.97 -29.58 -3.45
C PRO D 147 -22.02 -28.48 -2.95
N VAL D 148 -22.48 -27.65 -2.02
CA VAL D 148 -21.64 -26.67 -1.36
C VAL D 148 -20.62 -27.36 -0.44
N LEU D 149 -19.34 -27.00 -0.61
CA LEU D 149 -18.27 -27.44 0.26
C LEU D 149 -18.06 -26.43 1.39
N ASP D 150 -17.64 -26.93 2.57
CA ASP D 150 -17.29 -26.07 3.68
C ASP D 150 -15.98 -25.34 3.38
N ARG D 151 -15.85 -24.17 3.98
CA ARG D 151 -14.78 -23.26 3.61
C ARG D 151 -13.43 -23.88 3.98
N ALA D 152 -13.38 -24.57 5.13
CA ALA D 152 -12.17 -25.28 5.55
C ALA D 152 -11.65 -26.21 4.45
N THR D 153 -12.52 -27.08 3.92
CA THR D 153 -12.15 -27.99 2.85
C THR D 153 -11.62 -27.22 1.64
N CYS D 154 -12.28 -26.11 1.30
CA CYS D 154 -11.87 -25.33 0.16
C CYS D 154 -10.47 -24.74 0.35
N ASN D 155 -10.15 -24.37 1.61
CA ASN D 155 -8.86 -23.83 1.99
C ASN D 155 -7.94 -24.99 2.42
N THR D 165 -12.06 -17.25 2.12
CA THR D 165 -12.54 -15.92 2.62
C THR D 165 -13.99 -16.05 3.06
N GLU D 166 -14.43 -15.24 4.03
CA GLU D 166 -15.85 -15.25 4.42
C GLU D 166 -16.73 -14.70 3.29
N ARG D 167 -16.13 -14.01 2.31
CA ARG D 167 -16.86 -13.34 1.24
C ARG D 167 -17.06 -14.25 0.04
N LEU D 168 -16.52 -15.48 0.09
CA LEU D 168 -16.62 -16.42 -1.02
C LEU D 168 -17.16 -17.76 -0.53
N MET D 169 -17.65 -18.59 -1.45
CA MET D 169 -18.12 -19.93 -1.12
C MET D 169 -17.70 -20.89 -2.22
N CYS D 170 -17.83 -22.19 -1.96
CA CYS D 170 -17.29 -23.21 -2.83
C CYS D 170 -18.29 -24.32 -3.12
N ALA D 171 -18.07 -25.01 -4.23
CA ALA D 171 -18.89 -26.16 -4.56
C ALA D 171 -18.01 -27.26 -5.14
N GLU D 172 -18.48 -28.52 -5.07
CA GLU D 172 -17.75 -29.66 -5.59
C GLU D 172 -17.56 -29.49 -7.09
N SER D 173 -16.41 -29.98 -7.57
CA SER D 173 -15.91 -29.80 -8.92
C SER D 173 -15.69 -31.14 -9.62
N ASN D 174 -16.24 -32.23 -9.06
CA ASN D 174 -15.99 -33.58 -9.53
C ASN D 174 -16.88 -33.89 -10.73
N ARG D 175 -16.39 -33.57 -11.93
CA ARG D 175 -17.09 -33.79 -13.19
C ARG D 175 -18.16 -32.72 -13.46
N ARG D 176 -19.07 -32.54 -12.50
CA ARG D 176 -20.03 -31.47 -12.55
C ARG D 176 -19.35 -30.21 -12.02
N ASP D 177 -19.53 -29.08 -12.71
CA ASP D 177 -18.85 -27.83 -12.36
C ASP D 177 -19.33 -26.68 -13.23
N SER D 178 -19.03 -25.47 -12.76
CA SER D 178 -19.11 -24.30 -13.60
C SER D 178 -17.79 -24.19 -14.36
N CYS D 179 -17.84 -23.63 -15.58
CA CYS D 179 -16.67 -23.56 -16.44
C CYS D 179 -16.61 -22.21 -17.16
N LYS D 180 -15.73 -22.12 -18.16
CA LYS D 180 -15.42 -20.88 -18.87
C LYS D 180 -16.67 -20.32 -19.54
N GLY D 181 -16.94 -19.03 -19.29
CA GLY D 181 -18.12 -18.37 -19.83
C GLY D 181 -19.32 -18.53 -18.91
N ASP D 182 -19.16 -19.25 -17.77
CA ASP D 182 -20.20 -19.29 -16.75
C ASP D 182 -19.98 -18.20 -15.71
N SER D 183 -18.80 -17.55 -15.74
CA SER D 183 -18.45 -16.44 -14.87
C SER D 183 -19.54 -15.38 -14.94
N GLY D 184 -19.98 -14.89 -13.78
CA GLY D 184 -20.98 -13.83 -13.71
C GLY D 184 -22.38 -14.35 -13.43
N GLY D 185 -22.57 -15.67 -13.60
CA GLY D 185 -23.87 -16.31 -13.51
C GLY D 185 -24.18 -16.74 -12.08
N PRO D 186 -25.43 -17.22 -11.84
CA PRO D 186 -25.92 -17.46 -10.48
C PRO D 186 -25.58 -18.80 -9.84
N LEU D 187 -25.45 -18.77 -8.52
CA LEU D 187 -25.54 -19.95 -7.68
C LEU D 187 -26.73 -19.71 -6.76
N VAL D 188 -27.74 -20.58 -6.86
CA VAL D 188 -29.07 -20.32 -6.30
C VAL D 188 -29.45 -21.44 -5.33
N CYS D 189 -29.68 -21.11 -4.06
CA CYS D 189 -29.96 -22.10 -3.02
C CYS D 189 -31.32 -21.75 -2.40
N GLY D 190 -32.28 -22.68 -2.52
CA GLY D 190 -33.64 -22.52 -2.02
C GLY D 190 -34.41 -21.38 -2.68
N GLY D 191 -34.12 -21.10 -3.96
CA GLY D 191 -34.83 -20.08 -4.71
C GLY D 191 -34.30 -18.66 -4.48
N VAL D 192 -33.13 -18.55 -3.84
CA VAL D 192 -32.50 -17.27 -3.56
C VAL D 192 -31.08 -17.23 -4.12
N LEU D 193 -30.67 -16.08 -4.69
CA LEU D 193 -29.29 -15.94 -5.14
C LEU D 193 -28.35 -15.90 -3.93
N GLU D 194 -27.28 -16.71 -4.00
CA GLU D 194 -26.31 -16.84 -2.92
C GLU D 194 -24.93 -16.52 -3.47
N GLY D 195 -24.63 -17.07 -4.66
CA GLY D 195 -23.34 -16.92 -5.31
C GLY D 195 -23.39 -16.28 -6.70
N VAL D 196 -22.29 -15.62 -7.05
CA VAL D 196 -22.01 -15.19 -8.42
C VAL D 196 -20.70 -15.88 -8.81
N VAL D 197 -20.73 -16.64 -9.93
CA VAL D 197 -19.60 -17.44 -10.37
C VAL D 197 -18.38 -16.52 -10.55
N THR D 198 -17.20 -16.98 -10.10
CA THR D 198 -15.95 -16.25 -10.27
C THR D 198 -15.69 -16.03 -11.76
N SER D 199 -14.91 -14.98 -12.09
CA SER D 199 -14.42 -14.74 -13.45
C SER D 199 -12.92 -15.00 -13.55
N GLY D 200 -12.33 -15.50 -12.43
CA GLY D 200 -10.96 -15.94 -12.38
C GLY D 200 -10.77 -17.18 -13.25
N SER D 201 -9.86 -17.08 -14.22
CA SER D 201 -9.39 -18.24 -14.96
C SER D 201 -9.25 -19.41 -13.98
N ARG D 202 -9.57 -20.63 -14.46
CA ARG D 202 -9.40 -21.82 -13.64
C ARG D 202 -9.61 -23.08 -14.48
N VAL D 203 -9.27 -24.21 -13.83
CA VAL D 203 -9.49 -25.57 -14.31
C VAL D 203 -10.87 -26.04 -13.86
N CYS D 204 -11.60 -26.75 -14.73
CA CYS D 204 -12.93 -27.23 -14.42
C CYS D 204 -12.89 -28.75 -14.35
N GLY D 205 -13.70 -29.34 -13.46
CA GLY D 205 -13.82 -30.79 -13.43
C GLY D 205 -12.73 -31.51 -12.62
N ASN D 206 -11.62 -30.82 -12.32
CA ASN D 206 -10.68 -31.29 -11.31
C ASN D 206 -11.38 -31.29 -9.95
N ARG D 207 -11.54 -32.49 -9.36
CA ARG D 207 -12.18 -32.63 -8.06
C ARG D 207 -11.37 -31.95 -6.96
N LYS D 208 -10.07 -31.72 -7.19
CA LYS D 208 -9.17 -31.07 -6.23
C LYS D 208 -9.37 -29.55 -6.20
N LYS D 209 -10.01 -28.97 -7.22
CA LYS D 209 -9.99 -27.54 -7.47
C LYS D 209 -11.42 -26.99 -7.51
N PRO D 210 -12.10 -26.92 -6.34
CA PRO D 210 -13.49 -26.48 -6.26
C PRO D 210 -13.83 -25.22 -7.06
N GLY D 211 -15.04 -25.19 -7.61
CA GLY D 211 -15.59 -23.95 -8.13
C GLY D 211 -15.74 -22.91 -7.01
N ILE D 212 -15.57 -21.64 -7.39
CA ILE D 212 -15.62 -20.54 -6.46
C ILE D 212 -16.74 -19.63 -6.92
N TYR D 213 -17.37 -18.98 -5.94
CA TYR D 213 -18.60 -18.23 -6.12
C TYR D 213 -18.55 -17.12 -5.08
N THR D 214 -18.78 -15.89 -5.55
CA THR D 214 -18.82 -14.73 -4.68
C THR D 214 -20.12 -14.72 -3.89
N ARG D 215 -20.02 -14.58 -2.56
CA ARG D 215 -21.19 -14.47 -1.71
C ARG D 215 -21.79 -13.08 -1.83
N VAL D 216 -23.02 -13.02 -2.37
CA VAL D 216 -23.71 -11.76 -2.64
C VAL D 216 -24.00 -11.06 -1.32
N ALA D 217 -24.29 -11.85 -0.26
CA ALA D 217 -24.68 -11.32 1.05
C ALA D 217 -23.63 -10.37 1.66
N SER D 218 -22.34 -10.68 1.46
CA SER D 218 -21.29 -9.85 2.04
C SER D 218 -21.04 -8.60 1.19
N TYR D 219 -21.83 -8.39 0.13
CA TYR D 219 -21.71 -7.21 -0.72
C TYR D 219 -23.02 -6.41 -0.75
N ALA D 220 -23.89 -6.64 0.25
CA ALA D 220 -25.22 -6.07 0.28
C ALA D 220 -25.16 -4.54 0.29
N ALA D 221 -24.21 -3.99 1.05
CA ALA D 221 -24.09 -2.55 1.21
C ALA D 221 -23.81 -1.90 -0.14
N TRP D 222 -22.82 -2.46 -0.87
CA TRP D 222 -22.33 -1.91 -2.12
C TRP D 222 -23.44 -1.96 -3.17
N ILE D 223 -24.01 -3.16 -3.37
CA ILE D 223 -25.09 -3.38 -4.33
C ILE D 223 -26.21 -2.36 -4.10
N ASP D 224 -26.67 -2.23 -2.84
CA ASP D 224 -27.72 -1.29 -2.46
C ASP D 224 -27.33 0.15 -2.77
N SER D 225 -26.05 0.48 -2.58
CA SER D 225 -25.54 1.83 -2.80
C SER D 225 -25.58 2.16 -4.31
N VAL D 226 -25.19 1.20 -5.14
CA VAL D 226 -25.21 1.36 -6.59
C VAL D 226 -26.66 1.45 -7.08
N LEU D 227 -27.56 0.61 -6.54
CA LEU D 227 -28.93 0.53 -7.04
C LEU D 227 -29.81 1.64 -6.48
N ALA D 228 -29.31 2.32 -5.45
CA ALA D 228 -29.94 3.52 -4.93
C ALA D 228 -29.84 4.65 -5.96
N SER D 229 -28.83 4.58 -6.84
CA SER D 229 -28.52 5.67 -7.76
C SER D 229 -29.48 5.68 -8.95
N ALA D 230 -29.60 4.51 -9.64
CA ALA D 230 -30.47 4.35 -10.79
C ALA D 230 -30.45 5.62 -11.66
C4 R7X E . 20.07 20.80 -5.12
C5 R7X E . 20.85 20.96 -6.26
C6 R7X E . 21.42 19.85 -6.84
C11 R7X E . 18.96 23.65 -10.33
C8 R7X E . 21.13 22.22 -6.79
C9 R7X E . 20.00 25.84 -9.74
C12 R7X E . 19.23 24.59 -9.26
C3 R7X E . 19.94 22.77 -7.66
C1 R7X E . 20.98 26.15 -8.61
C2 R7X E . 21.45 24.76 -8.28
C15 R7X E . 17.29 22.71 -11.69
C16 R7X E . 18.10 22.14 -12.69
C17 R7X E . 17.60 21.14 -13.52
C18 R7X E . 16.29 20.70 -13.34
C19 R7X E . 15.50 21.27 -12.32
C22 R7X E . 19.83 19.54 -4.55
C26 R7X E . 18.24 20.50 -2.82
C25 R7X E . 19.00 19.32 -3.40
O27 R7X E . 18.75 18.18 -2.99
C23 R7X E . 20.42 18.42 -5.19
C24 R7X E . 21.19 18.56 -6.32
O13 R7X E . 18.89 22.15 -7.80
N7 R7X E . 20.19 23.95 -8.28
O10 R7X E . 19.84 22.87 -10.73
N14 R7X E . 17.68 23.64 -10.79
N21 R7X E . 16.02 22.24 -11.56
BR20 R7X E . 13.64 20.69 -12.06
C4 R7X F . -11.73 6.02 30.02
C5 R7X F . -13.06 6.40 29.94
C6 R7X F . -13.57 7.24 30.94
C11 R7X F . -15.18 9.19 26.06
C8 R7X F . -13.84 5.95 28.85
C9 R7X F . -16.35 7.42 24.92
C12 R7X F . -15.09 7.85 25.61
C3 R7X F . -13.94 7.07 27.70
C1 R7X F . -16.40 5.92 25.25
C2 R7X F . -15.90 5.80 26.69
C15 R7X F . -14.49 11.40 25.55
C16 R7X F . -15.45 12.16 26.22
C17 R7X F . -15.16 13.46 26.58
C18 R7X F . -13.93 14.02 26.24
C19 R7X F . -13.02 13.23 25.55
C22 R7X F . -10.85 6.43 31.05
C26 R7X F . -8.93 5.19 29.89
C25 R7X F . -9.48 6.00 31.08
O27 R7X F . -8.70 6.34 31.98
C23 R7X F . -11.40 7.27 32.06
C24 R7X F . -12.73 7.68 32.01
O13 R7X F . -13.15 8.01 27.62
N7 R7X F . -14.88 6.89 26.77
O10 R7X F . -15.68 9.45 27.17
N14 R7X F . -14.62 10.10 25.21
N21 R7X F . -13.32 11.98 25.23
BR20 R7X F . -11.34 13.93 25.03
C4 R7X G . 10.54 -7.41 -3.15
C5 R7X G . 10.59 -6.85 -1.88
C6 R7X G . 9.41 -6.41 -1.33
C11 R7X G . 12.44 -9.17 2.44
C8 R7X G . 11.80 -6.66 -1.17
C9 R7X G . 14.73 -8.25 2.33
C12 R7X G . 13.55 -8.82 1.59
C3 R7X G . 12.20 -7.93 -0.37
C1 R7X G . 15.08 -6.93 1.57
C2 R7X G . 13.77 -6.45 0.98
C15 R7X G . 11.17 -11.13 3.13
C16 R7X G . 10.32 -10.58 4.09
C17 R7X G . 9.25 -11.36 4.55
C18 R7X G . 9.03 -12.64 4.05
C19 R7X G . 9.90 -13.17 3.09
C22 R7X G . 9.33 -7.54 -3.83
C26 R7X G . 10.60 -8.30 -5.80
C25 R7X G . 9.26 -8.09 -5.12
O27 R7X G . 8.18 -8.32 -5.71
C23 R7X G . 8.16 -7.06 -3.24
C24 R7X G . 8.21 -6.51 -2.01
O13 R7X G . 11.67 -9.01 -0.60
N7 R7X G . 13.09 -7.75 0.61
O10 R7X G . 11.69 -8.27 2.89
N14 R7X G . 12.26 -10.53 2.57
N21 R7X G . 10.92 -12.37 2.66
BR20 R7X G . 9.69 -14.94 2.36
C1 GOL H . 5.32 0.38 -17.33
O1 GOL H . 4.50 -0.78 -17.49
C2 GOL H . 5.88 0.53 -15.91
O2 GOL H . 4.89 1.13 -15.08
C3 GOL H . 7.16 1.34 -15.83
O3 GOL H . 8.04 0.93 -14.78
C1 GOL I . 26.73 0.06 -14.32
O1 GOL I . 27.49 0.94 -13.48
C2 GOL I . 27.64 -0.82 -15.16
O2 GOL I . 27.67 -2.15 -14.60
C3 GOL I . 27.24 -0.89 -16.63
O3 GOL I . 28.12 -1.76 -17.36
C4 R7X J . -13.90 -18.83 -15.83
C5 R7X J . -13.01 -18.17 -16.66
C6 R7X J . -11.96 -18.90 -17.26
C11 R7X J . -14.71 -15.79 -20.87
C8 R7X J . -13.14 -16.80 -16.90
C9 R7X J . -14.46 -13.47 -20.15
C12 R7X J . -14.93 -14.91 -19.80
C3 R7X J . -14.10 -16.57 -18.12
C1 R7X J . -13.81 -12.93 -18.86
C2 R7X J . -13.41 -14.15 -18.05
C15 R7X J . -15.70 -17.09 -22.58
C16 R7X J . -14.56 -17.45 -23.36
C17 R7X J . -14.69 -18.49 -24.27
C18 R7X J . -15.91 -19.16 -24.42
C19 R7X J . -17.03 -18.81 -23.65
C22 R7X J . -13.81 -20.19 -15.55
C26 R7X J . -15.98 -20.09 -14.23
C25 R7X J . -14.70 -20.83 -14.70
O27 R7X J . -14.51 -22.00 -14.37
C23 R7X J . -12.76 -20.90 -16.16
C24 R7X J . -11.85 -20.25 -17.02
O13 R7X J . -14.72 -17.49 -18.65
N7 R7X J . -14.12 -15.32 -18.62
O10 R7X J . -13.59 -16.20 -21.08
N14 R7X J . -15.77 -16.15 -21.60
N21 R7X J . -16.87 -17.79 -22.76
BR20 R7X J . -18.83 -19.71 -23.77
#